data_1BI6
# 
_entry.id   1BI6 
# 
_audit_conform.dict_name       mmcif_pdbx.dic 
_audit_conform.dict_version    5.397 
_audit_conform.dict_location   http://mmcif.pdb.org/dictionaries/ascii/mmcif_pdbx.dic 
# 
loop_
_database_2.database_id 
_database_2.database_code 
_database_2.pdbx_database_accession 
_database_2.pdbx_DOI 
PDB   1BI6         pdb_00001bi6 10.2210/pdb1bi6/pdb 
WWPDB D_1000171786 ?            ?                   
# 
loop_
_pdbx_audit_revision_history.ordinal 
_pdbx_audit_revision_history.data_content_type 
_pdbx_audit_revision_history.major_revision 
_pdbx_audit_revision_history.minor_revision 
_pdbx_audit_revision_history.revision_date 
1 'Structure model' 1 0 1996-04-03 
2 'Structure model' 1 1 2008-03-03 
3 'Structure model' 1 2 2011-07-13 
4 'Structure model' 1 3 2017-11-29 
5 'Structure model' 1 4 2024-10-09 
# 
_pdbx_audit_revision_details.ordinal             1 
_pdbx_audit_revision_details.revision_ordinal    1 
_pdbx_audit_revision_details.data_content_type   'Structure model' 
_pdbx_audit_revision_details.provider            repository 
_pdbx_audit_revision_details.type                'Initial release' 
_pdbx_audit_revision_details.description         ? 
_pdbx_audit_revision_details.details             ? 
# 
loop_
_pdbx_audit_revision_group.ordinal 
_pdbx_audit_revision_group.revision_ordinal 
_pdbx_audit_revision_group.data_content_type 
_pdbx_audit_revision_group.group 
1 2 'Structure model' 'Version format compliance' 
2 3 'Structure model' 'Version format compliance' 
3 4 'Structure model' 'Derived calculations'      
4 4 'Structure model' Other                       
5 5 'Structure model' 'Data collection'           
6 5 'Structure model' 'Database references'       
7 5 'Structure model' 'Structure summary'         
# 
loop_
_pdbx_audit_revision_category.ordinal 
_pdbx_audit_revision_category.revision_ordinal 
_pdbx_audit_revision_category.data_content_type 
_pdbx_audit_revision_category.category 
1 4 'Structure model' pdbx_database_status      
2 4 'Structure model' pdbx_struct_assembly      
3 4 'Structure model' pdbx_struct_oper_list     
4 4 'Structure model' struct_conf               
5 5 'Structure model' chem_comp_atom            
6 5 'Structure model' chem_comp_bond            
7 5 'Structure model' database_2                
8 5 'Structure model' pdbx_entry_details        
9 5 'Structure model' pdbx_modification_feature 
# 
loop_
_pdbx_audit_revision_item.ordinal 
_pdbx_audit_revision_item.revision_ordinal 
_pdbx_audit_revision_item.data_content_type 
_pdbx_audit_revision_item.item 
1 4 'Structure model' '_pdbx_database_status.process_site'  
2 5 'Structure model' '_database_2.pdbx_DOI'                
3 5 'Structure model' '_database_2.pdbx_database_accession' 
# 
_pdbx_database_status.status_code                     REL 
_pdbx_database_status.entry_id                        1BI6 
_pdbx_database_status.recvd_initial_deposition_date   1995-12-07 
_pdbx_database_status.deposit_site                    ? 
_pdbx_database_status.process_site                    BNL 
_pdbx_database_status.SG_entry                        . 
_pdbx_database_status.pdb_format_compatible           Y 
_pdbx_database_status.status_code_mr                  ? 
_pdbx_database_status.status_code_sf                  ? 
_pdbx_database_status.status_code_cs                  ? 
_pdbx_database_status.methods_development_category    ? 
_pdbx_database_status.status_code_nmr_data            ? 
# 
_pdbx_database_related.db_name        PDB 
_pdbx_database_related.db_id          2BI6 
_pdbx_database_related.details        . 
_pdbx_database_related.content_type   ensemble 
# 
_audit_author.name           'Hatano, K.-I.' 
_audit_author.pdbx_ordinal   1 
# 
loop_
_citation.id 
_citation.title 
_citation.journal_abbrev 
_citation.journal_volume 
_citation.page_first 
_citation.page_last 
_citation.year 
_citation.journal_id_ASTM 
_citation.country 
_citation.journal_id_ISSN 
_citation.journal_id_CSD 
_citation.book_publisher 
_citation.pdbx_database_id_PubMed 
_citation.pdbx_database_id_DOI 
primary 
;Solution structure of bromelain inhibitor IV from pineapple stem: structural similarity with Bowman-Birk trypsin/chymotrypsin inhibitor from soybean.
;
Biochemistry   35  5379 5384 1996 BICHAW US 0006-2960 0033 ? 8611527 10.1021/bi952754+ 
1       
;Primary Structure,Sequence-Specific 1H Assignments and Secondary Structure in Solution of Bromelain Inhibitor Vi from Pineapple Stem
;
Eur.J.Biochem. 232 335  ?    1995 EJBCAI IX 0014-2956 0262 ? ?       ?                 
# 
loop_
_citation_author.citation_id 
_citation_author.name 
_citation_author.ordinal 
_citation_author.identifier_ORCID 
primary 'Hatano, K.'    1 ? 
primary 'Kojima, M.'    2 ? 
primary 'Tanokura, M.'  3 ? 
primary 'Takahashi, K.' 4 ? 
1       'Hatano, K.'    5 ? 
1       'Kojima, M.'    6 ? 
1       'Tanokura, M.'  7 ? 
1       'Takahashi, K.' 8 ? 
# 
loop_
_entity.id 
_entity.type 
_entity.src_method 
_entity.pdbx_description 
_entity.formula_weight 
_entity.pdbx_number_of_molecules 
_entity.pdbx_ec 
_entity.pdbx_mutation 
_entity.pdbx_fragment 
_entity.details 
1 polymer nat 'BROMELAIN INHIBITOR VI' 1182.414 1 ? ? ? ? 
2 polymer nat 'BROMELAIN INHIBITOR VI' 4703.391 1 ? ? ? ? 
# 
loop_
_entity_poly.entity_id 
_entity_poly.type 
_entity_poly.nstd_linkage 
_entity_poly.nstd_monomer 
_entity_poly.pdbx_seq_one_letter_code 
_entity_poly.pdbx_seq_one_letter_code_can 
_entity_poly.pdbx_strand_id 
_entity_poly.pdbx_target_identifier 
1 'polypeptide(L)' no no TACSECVCPLR                               TACSECVCPLR                               L ? 
2 'polypeptide(L)' no no EEYKCYCTDTYSDCPGFCKTCKAEFGKYICLDLISPNDCVK EEYKCYCTDTYSDCPGFCKTCKAEFGKYICLDLISPNDCVK H ? 
# 
loop_
_entity_poly_seq.entity_id 
_entity_poly_seq.num 
_entity_poly_seq.mon_id 
_entity_poly_seq.hetero 
1 1  THR n 
1 2  ALA n 
1 3  CYS n 
1 4  SER n 
1 5  GLU n 
1 6  CYS n 
1 7  VAL n 
1 8  CYS n 
1 9  PRO n 
1 10 LEU n 
1 11 ARG n 
2 1  GLU n 
2 2  GLU n 
2 3  TYR n 
2 4  LYS n 
2 5  CYS n 
2 6  TYR n 
2 7  CYS n 
2 8  THR n 
2 9  ASP n 
2 10 THR n 
2 11 TYR n 
2 12 SER n 
2 13 ASP n 
2 14 CYS n 
2 15 PRO n 
2 16 GLY n 
2 17 PHE n 
2 18 CYS n 
2 19 LYS n 
2 20 THR n 
2 21 CYS n 
2 22 LYS n 
2 23 ALA n 
2 24 GLU n 
2 25 PHE n 
2 26 GLY n 
2 27 LYS n 
2 28 TYR n 
2 29 ILE n 
2 30 CYS n 
2 31 LEU n 
2 32 ASP n 
2 33 LEU n 
2 34 ILE n 
2 35 SER n 
2 36 PRO n 
2 37 ASN n 
2 38 ASP n 
2 39 CYS n 
2 40 VAL n 
2 41 LYS n 
# 
loop_
_entity_src_nat.entity_id 
_entity_src_nat.pdbx_src_id 
_entity_src_nat.pdbx_alt_source_flag 
_entity_src_nat.pdbx_beg_seq_num 
_entity_src_nat.pdbx_end_seq_num 
_entity_src_nat.common_name 
_entity_src_nat.pdbx_organism_scientific 
_entity_src_nat.pdbx_ncbi_taxonomy_id 
_entity_src_nat.genus 
_entity_src_nat.species 
_entity_src_nat.strain 
_entity_src_nat.tissue 
_entity_src_nat.tissue_fraction 
_entity_src_nat.pdbx_secretion 
_entity_src_nat.pdbx_fragment 
_entity_src_nat.pdbx_variant 
_entity_src_nat.pdbx_cell_line 
_entity_src_nat.pdbx_atcc 
_entity_src_nat.pdbx_cellular_location 
_entity_src_nat.pdbx_organ 
_entity_src_nat.pdbx_organelle 
_entity_src_nat.pdbx_cell 
_entity_src_nat.pdbx_plasmid_name 
_entity_src_nat.pdbx_plasmid_details 
_entity_src_nat.details 
1 1 sample ? ? pineapple 'Ananas comosus' 4615 Ananas ? ? STEM ? ? ? ? ? ? ? ? ? ? ? ? ? 
2 1 sample ? ? pineapple 'Ananas comosus' 4615 Ananas ? ? STEM ? ? ? ? ? ? ? ? ? ? ? ? ? 
# 
loop_
_chem_comp.id 
_chem_comp.type 
_chem_comp.mon_nstd_flag 
_chem_comp.name 
_chem_comp.pdbx_synonyms 
_chem_comp.formula 
_chem_comp.formula_weight 
ALA 'L-peptide linking' y ALANINE         ? 'C3 H7 N O2'     89.093  
ARG 'L-peptide linking' y ARGININE        ? 'C6 H15 N4 O2 1' 175.209 
ASN 'L-peptide linking' y ASPARAGINE      ? 'C4 H8 N2 O3'    132.118 
ASP 'L-peptide linking' y 'ASPARTIC ACID' ? 'C4 H7 N O4'     133.103 
CYS 'L-peptide linking' y CYSTEINE        ? 'C3 H7 N O2 S'   121.158 
GLU 'L-peptide linking' y 'GLUTAMIC ACID' ? 'C5 H9 N O4'     147.129 
GLY 'peptide linking'   y GLYCINE         ? 'C2 H5 N O2'     75.067  
ILE 'L-peptide linking' y ISOLEUCINE      ? 'C6 H13 N O2'    131.173 
LEU 'L-peptide linking' y LEUCINE         ? 'C6 H13 N O2'    131.173 
LYS 'L-peptide linking' y LYSINE          ? 'C6 H15 N2 O2 1' 147.195 
PHE 'L-peptide linking' y PHENYLALANINE   ? 'C9 H11 N O2'    165.189 
PRO 'L-peptide linking' y PROLINE         ? 'C5 H9 N O2'     115.130 
SER 'L-peptide linking' y SERINE          ? 'C3 H7 N O3'     105.093 
THR 'L-peptide linking' y THREONINE       ? 'C4 H9 N O3'     119.119 
TYR 'L-peptide linking' y TYROSINE        ? 'C9 H11 N O3'    181.189 
VAL 'L-peptide linking' y VALINE          ? 'C5 H11 N O2'    117.146 
# 
loop_
_pdbx_poly_seq_scheme.asym_id 
_pdbx_poly_seq_scheme.entity_id 
_pdbx_poly_seq_scheme.seq_id 
_pdbx_poly_seq_scheme.mon_id 
_pdbx_poly_seq_scheme.ndb_seq_num 
_pdbx_poly_seq_scheme.pdb_seq_num 
_pdbx_poly_seq_scheme.auth_seq_num 
_pdbx_poly_seq_scheme.pdb_mon_id 
_pdbx_poly_seq_scheme.auth_mon_id 
_pdbx_poly_seq_scheme.pdb_strand_id 
_pdbx_poly_seq_scheme.pdb_ins_code 
_pdbx_poly_seq_scheme.hetero 
A 1 1  THR 1  1  1  THR THR L . n 
A 1 2  ALA 2  2  2  ALA ALA L . n 
A 1 3  CYS 3  3  3  CYS CYS L . n 
A 1 4  SER 4  4  4  SER SER L . n 
A 1 5  GLU 5  5  5  GLU GLU L . n 
A 1 6  CYS 6  6  6  CYS CYS L . n 
A 1 7  VAL 7  7  7  VAL VAL L . n 
A 1 8  CYS 8  8  8  CYS CYS L . n 
A 1 9  PRO 9  9  9  PRO PRO L . n 
A 1 10 LEU 10 10 10 LEU LEU L . n 
A 1 11 ARG 11 11 11 ARG ARG L . n 
B 2 1  GLU 1  1  1  GLU GLU H . n 
B 2 2  GLU 2  2  2  GLU GLU H . n 
B 2 3  TYR 3  3  3  TYR TYR H . n 
B 2 4  LYS 4  4  4  LYS LYS H . n 
B 2 5  CYS 5  5  5  CYS CYS H . n 
B 2 6  TYR 6  6  6  TYR TYR H . n 
B 2 7  CYS 7  7  7  CYS CYS H . n 
B 2 8  THR 8  8  8  THR THR H . n 
B 2 9  ASP 9  9  9  ASP ASP H . n 
B 2 10 THR 10 10 10 THR THR H . n 
B 2 11 TYR 11 11 11 TYR TYR H . n 
B 2 12 SER 12 12 12 SER SER H . n 
B 2 13 ASP 13 13 13 ASP ASP H . n 
B 2 14 CYS 14 14 14 CYS CYS H . n 
B 2 15 PRO 15 15 15 PRO PRO H . n 
B 2 16 GLY 16 16 16 GLY GLY H . n 
B 2 17 PHE 17 17 17 PHE PHE H . n 
B 2 18 CYS 18 18 18 CYS CYS H . n 
B 2 19 LYS 19 19 19 LYS LYS H . n 
B 2 20 THR 20 20 20 THR THR H . n 
B 2 21 CYS 21 21 21 CYS CYS H . n 
B 2 22 LYS 22 22 22 LYS LYS H . n 
B 2 23 ALA 23 23 23 ALA ALA H . n 
B 2 24 GLU 24 24 24 GLU GLU H . n 
B 2 25 PHE 25 25 25 PHE PHE H . n 
B 2 26 GLY 26 26 26 GLY GLY H . n 
B 2 27 LYS 27 27 27 LYS LYS H . n 
B 2 28 TYR 28 28 28 TYR TYR H . n 
B 2 29 ILE 29 29 29 ILE ILE H . n 
B 2 30 CYS 30 30 30 CYS CYS H . n 
B 2 31 LEU 31 31 31 LEU LEU H . n 
B 2 32 ASP 32 32 32 ASP ASP H . n 
B 2 33 LEU 33 33 33 LEU LEU H . n 
B 2 34 ILE 34 34 34 ILE ILE H . n 
B 2 35 SER 35 35 35 SER SER H . n 
B 2 36 PRO 36 36 36 PRO PRO H . n 
B 2 37 ASN 37 37 37 ASN ASN H . n 
B 2 38 ASP 38 38 38 ASP ASP H . n 
B 2 39 CYS 39 39 39 CYS CYS H . n 
B 2 40 VAL 40 40 40 VAL VAL H . n 
B 2 41 LYS 41 41 41 LYS LYS H . n 
# 
loop_
_software.name 
_software.classification 
_software.version 
_software.citation_id 
_software.pdbx_ordinal 
X-PLOR 'model building' . ? 1 
X-PLOR refinement       . ? 2 
X-PLOR phasing          . ? 3 
# 
_cell.entry_id           1BI6 
_cell.length_a           1.000 
_cell.length_b           1.000 
_cell.length_c           1.000 
_cell.angle_alpha        90.00 
_cell.angle_beta         90.00 
_cell.angle_gamma        90.00 
_cell.Z_PDB              1 
_cell.pdbx_unique_axis   ? 
# 
_symmetry.entry_id                         1BI6 
_symmetry.space_group_name_H-M             'P 1' 
_symmetry.pdbx_full_space_group_name_H-M   ? 
_symmetry.cell_setting                     ? 
_symmetry.Int_Tables_number                1 
# 
_exptl.entry_id          1BI6 
_exptl.method            'SOLUTION NMR' 
_exptl.crystals_number   ? 
# 
_struct.entry_id                  1BI6 
_struct.title                     'NMR STRUCTURE OF BROMELAIN INHIBITOR VI FROM PINEAPPLE STEM' 
_struct.pdbx_model_details        ? 
_struct.pdbx_CASP_flag            ? 
_struct.pdbx_model_type_details   ? 
# 
_struct_keywords.entry_id        1BI6 
_struct_keywords.pdbx_keywords   'CYSTEINE PROTEASE INHIBITOR' 
_struct_keywords.text            'CYSTEINE PROTEASE INHIBITOR' 
# 
loop_
_struct_asym.id 
_struct_asym.pdbx_blank_PDB_chainid_flag 
_struct_asym.pdbx_modified 
_struct_asym.entity_id 
_struct_asym.details 
A N N 1 ? 
B N N 2 ? 
# 
loop_
_struct_ref.id 
_struct_ref.db_name 
_struct_ref.db_code 
_struct_ref.pdbx_db_accession 
_struct_ref.entity_id 
_struct_ref.pdbx_align_begin 
_struct_ref.pdbx_db_isoform 
_struct_ref.pdbx_seq_one_letter_code 
1 UNP IBR2_ANACO P27478 1 1  ? ? 
2 UNP IBR2_ANACO P27478 2 12 ? ? 
# 
loop_
_struct_ref_seq.align_id 
_struct_ref_seq.ref_id 
_struct_ref_seq.pdbx_PDB_id_code 
_struct_ref_seq.pdbx_strand_id 
_struct_ref_seq.seq_align_beg 
_struct_ref_seq.pdbx_seq_align_beg_ins_code 
_struct_ref_seq.seq_align_end 
_struct_ref_seq.pdbx_seq_align_end_ins_code 
_struct_ref_seq.pdbx_db_accession 
_struct_ref_seq.db_align_beg 
_struct_ref_seq.pdbx_db_align_beg_ins_code 
_struct_ref_seq.db_align_end 
_struct_ref_seq.pdbx_db_align_end_ins_code 
_struct_ref_seq.pdbx_auth_seq_align_beg 
_struct_ref_seq.pdbx_auth_seq_align_end 
1 1 1BI6 L 1 ? 11 ? P27478 1  ? 11 ? 1 11 
2 2 1BI6 H 1 ? 41 ? P27478 12 ? 52 ? 1 41 
# 
_pdbx_struct_assembly.id                   1 
_pdbx_struct_assembly.details              author_defined_assembly 
_pdbx_struct_assembly.method_details       ? 
_pdbx_struct_assembly.oligomeric_details   dimeric 
_pdbx_struct_assembly.oligomeric_count     2 
# 
_pdbx_struct_assembly_gen.assembly_id       1 
_pdbx_struct_assembly_gen.oper_expression   1 
_pdbx_struct_assembly_gen.asym_id_list      A,B 
# 
_pdbx_struct_oper_list.id                   1 
_pdbx_struct_oper_list.type                 'identity operation' 
_pdbx_struct_oper_list.name                 1_555 
_pdbx_struct_oper_list.symmetry_operation   x,y,z 
_pdbx_struct_oper_list.matrix[1][1]         1.0000000000 
_pdbx_struct_oper_list.matrix[1][2]         0.0000000000 
_pdbx_struct_oper_list.matrix[1][3]         0.0000000000 
_pdbx_struct_oper_list.vector[1]            0.0000000000 
_pdbx_struct_oper_list.matrix[2][1]         0.0000000000 
_pdbx_struct_oper_list.matrix[2][2]         1.0000000000 
_pdbx_struct_oper_list.matrix[2][3]         0.0000000000 
_pdbx_struct_oper_list.vector[2]            0.0000000000 
_pdbx_struct_oper_list.matrix[3][1]         0.0000000000 
_pdbx_struct_oper_list.matrix[3][2]         0.0000000000 
_pdbx_struct_oper_list.matrix[3][3]         1.0000000000 
_pdbx_struct_oper_list.vector[3]            0.0000000000 
# 
_struct_biol.id   1 
# 
loop_
_struct_conn.id 
_struct_conn.conn_type_id 
_struct_conn.pdbx_leaving_atom_flag 
_struct_conn.pdbx_PDB_id 
_struct_conn.ptnr1_label_asym_id 
_struct_conn.ptnr1_label_comp_id 
_struct_conn.ptnr1_label_seq_id 
_struct_conn.ptnr1_label_atom_id 
_struct_conn.pdbx_ptnr1_label_alt_id 
_struct_conn.pdbx_ptnr1_PDB_ins_code 
_struct_conn.pdbx_ptnr1_standard_comp_id 
_struct_conn.ptnr1_symmetry 
_struct_conn.ptnr2_label_asym_id 
_struct_conn.ptnr2_label_comp_id 
_struct_conn.ptnr2_label_seq_id 
_struct_conn.ptnr2_label_atom_id 
_struct_conn.pdbx_ptnr2_label_alt_id 
_struct_conn.pdbx_ptnr2_PDB_ins_code 
_struct_conn.ptnr1_auth_asym_id 
_struct_conn.ptnr1_auth_comp_id 
_struct_conn.ptnr1_auth_seq_id 
_struct_conn.ptnr2_auth_asym_id 
_struct_conn.ptnr2_auth_comp_id 
_struct_conn.ptnr2_auth_seq_id 
_struct_conn.ptnr2_symmetry 
_struct_conn.pdbx_ptnr3_label_atom_id 
_struct_conn.pdbx_ptnr3_label_seq_id 
_struct_conn.pdbx_ptnr3_label_comp_id 
_struct_conn.pdbx_ptnr3_label_asym_id 
_struct_conn.pdbx_ptnr3_label_alt_id 
_struct_conn.pdbx_ptnr3_PDB_ins_code 
_struct_conn.details 
_struct_conn.pdbx_dist_value 
_struct_conn.pdbx_value_order 
_struct_conn.pdbx_role 
disulf1 disulf ? ? A CYS 3  SG ? ? ? 1_555 B CYS 7  SG ? ? L CYS 3  H CYS 7  1_555 ? ? ? ? ? ? ? 2.020 ? ? 
disulf2 disulf ? ? A CYS 6  SG ? ? ? 1_555 B CYS 39 SG ? ? L CYS 6  H CYS 39 1_555 ? ? ? ? ? ? ? 2.020 ? ? 
disulf3 disulf ? ? A CYS 8  SG ? ? ? 1_555 B CYS 5  SG ? ? L CYS 8  H CYS 5  1_555 ? ? ? ? ? ? ? 2.020 ? ? 
disulf4 disulf ? ? B CYS 14 SG ? ? ? 1_555 B CYS 21 SG ? ? H CYS 14 H CYS 21 1_555 ? ? ? ? ? ? ? 2.021 ? ? 
disulf5 disulf ? ? B CYS 18 SG ? ? ? 1_555 B CYS 30 SG ? ? H CYS 18 H CYS 30 1_555 ? ? ? ? ? ? ? 2.019 ? ? 
# 
_struct_conn_type.id          disulf 
_struct_conn_type.criteria    ? 
_struct_conn_type.reference   ? 
# 
loop_
_pdbx_modification_feature.ordinal 
_pdbx_modification_feature.label_comp_id 
_pdbx_modification_feature.label_asym_id 
_pdbx_modification_feature.label_seq_id 
_pdbx_modification_feature.label_alt_id 
_pdbx_modification_feature.modified_residue_label_comp_id 
_pdbx_modification_feature.modified_residue_label_asym_id 
_pdbx_modification_feature.modified_residue_label_seq_id 
_pdbx_modification_feature.modified_residue_label_alt_id 
_pdbx_modification_feature.auth_comp_id 
_pdbx_modification_feature.auth_asym_id 
_pdbx_modification_feature.auth_seq_id 
_pdbx_modification_feature.PDB_ins_code 
_pdbx_modification_feature.symmetry 
_pdbx_modification_feature.modified_residue_auth_comp_id 
_pdbx_modification_feature.modified_residue_auth_asym_id 
_pdbx_modification_feature.modified_residue_auth_seq_id 
_pdbx_modification_feature.modified_residue_PDB_ins_code 
_pdbx_modification_feature.modified_residue_symmetry 
_pdbx_modification_feature.comp_id_linking_atom 
_pdbx_modification_feature.modified_residue_id_linking_atom 
_pdbx_modification_feature.modified_residue_id 
_pdbx_modification_feature.ref_pcm_id 
_pdbx_modification_feature.ref_comp_id 
_pdbx_modification_feature.type 
_pdbx_modification_feature.category 
1 CYS A 3  ? CYS B 7  ? CYS L 3  ? 1_555 CYS H 7  ? 1_555 SG SG . . . None 'Disulfide bridge' 
2 CYS A 6  ? CYS B 39 ? CYS L 6  ? 1_555 CYS H 39 ? 1_555 SG SG . . . None 'Disulfide bridge' 
3 CYS A 8  ? CYS B 5  ? CYS L 8  ? 1_555 CYS H 5  ? 1_555 SG SG . . . None 'Disulfide bridge' 
4 CYS B 14 ? CYS B 21 ? CYS H 14 ? 1_555 CYS H 21 ? 1_555 SG SG . . . None 'Disulfide bridge' 
5 CYS B 18 ? CYS B 30 ? CYS H 18 ? 1_555 CYS H 30 ? 1_555 SG SG . . . None 'Disulfide bridge' 
# 
loop_
_struct_sheet.id 
_struct_sheet.type 
_struct_sheet.number_strands 
_struct_sheet.details 
B1 ? 3 ? 
B2 ? 3 ? 
# 
loop_
_struct_sheet_order.sheet_id 
_struct_sheet_order.range_id_1 
_struct_sheet_order.range_id_2 
_struct_sheet_order.offset 
_struct_sheet_order.sense 
B1 1 2 ? anti-parallel 
B1 2 3 ? parallel      
B2 1 2 ? anti-parallel 
B2 2 3 ? parallel      
# 
loop_
_struct_sheet_range.sheet_id 
_struct_sheet_range.id 
_struct_sheet_range.beg_label_comp_id 
_struct_sheet_range.beg_label_asym_id 
_struct_sheet_range.beg_label_seq_id 
_struct_sheet_range.pdbx_beg_PDB_ins_code 
_struct_sheet_range.end_label_comp_id 
_struct_sheet_range.end_label_asym_id 
_struct_sheet_range.end_label_seq_id 
_struct_sheet_range.pdbx_end_PDB_ins_code 
_struct_sheet_range.beg_auth_comp_id 
_struct_sheet_range.beg_auth_asym_id 
_struct_sheet_range.beg_auth_seq_id 
_struct_sheet_range.end_auth_comp_id 
_struct_sheet_range.end_auth_asym_id 
_struct_sheet_range.end_auth_seq_id 
B1 1 LYS B 22 ? GLU B 24 ? LYS H 22 GLU H 24 
B1 2 LYS B 27 ? ILE B 29 ? LYS H 27 ILE H 29 
B1 3 ASP B 9  ? TYR B 11 ? ASP H 9  TYR H 11 
B2 1 ASP B 32 ? ILE B 34 ? ASP H 32 ILE H 34 
B2 2 CYS B 5  ? CYS B 7  ? CYS H 5  CYS H 7  
B2 3 CYS A 6  ? CYS A 8  ? CYS L 6  CYS L 8  
# 
loop_
_pdbx_struct_sheet_hbond.sheet_id 
_pdbx_struct_sheet_hbond.range_id_1 
_pdbx_struct_sheet_hbond.range_id_2 
_pdbx_struct_sheet_hbond.range_1_label_atom_id 
_pdbx_struct_sheet_hbond.range_1_label_comp_id 
_pdbx_struct_sheet_hbond.range_1_label_asym_id 
_pdbx_struct_sheet_hbond.range_1_label_seq_id 
_pdbx_struct_sheet_hbond.range_1_PDB_ins_code 
_pdbx_struct_sheet_hbond.range_1_auth_atom_id 
_pdbx_struct_sheet_hbond.range_1_auth_comp_id 
_pdbx_struct_sheet_hbond.range_1_auth_asym_id 
_pdbx_struct_sheet_hbond.range_1_auth_seq_id 
_pdbx_struct_sheet_hbond.range_2_label_atom_id 
_pdbx_struct_sheet_hbond.range_2_label_comp_id 
_pdbx_struct_sheet_hbond.range_2_label_asym_id 
_pdbx_struct_sheet_hbond.range_2_label_seq_id 
_pdbx_struct_sheet_hbond.range_2_PDB_ins_code 
_pdbx_struct_sheet_hbond.range_2_auth_atom_id 
_pdbx_struct_sheet_hbond.range_2_auth_comp_id 
_pdbx_struct_sheet_hbond.range_2_auth_asym_id 
_pdbx_struct_sheet_hbond.range_2_auth_seq_id 
B1 1 2 N ILE B 29 ? N ILE H 29 O LYS B 22 ? O LYS H 22 
B1 2 3 O TYR B 28 ? O TYR H 28 N TYR B 11 ? N TYR H 11 
B2 1 2 N ASP B 32 ? N ASP H 32 O CYS B 7  ? O CYS H 7  
B2 2 3 O TYR B 6  ? O TYR H 6  N VAL A 7  ? N VAL L 7  
# 
_struct_site.id                   B1 
_struct_site.pdbx_evidence_code   Unknown 
_struct_site.pdbx_auth_asym_id    ? 
_struct_site.pdbx_auth_comp_id    ? 
_struct_site.pdbx_auth_seq_id     ? 
_struct_site.pdbx_auth_ins_code   ? 
_struct_site.pdbx_num_residues    2 
_struct_site.details              ? 
# 
loop_
_struct_site_gen.id 
_struct_site_gen.site_id 
_struct_site_gen.pdbx_num_res 
_struct_site_gen.label_comp_id 
_struct_site_gen.label_asym_id 
_struct_site_gen.label_seq_id 
_struct_site_gen.pdbx_auth_ins_code 
_struct_site_gen.auth_comp_id 
_struct_site_gen.auth_asym_id 
_struct_site_gen.auth_seq_id 
_struct_site_gen.label_atom_id 
_struct_site_gen.label_alt_id 
_struct_site_gen.symmetry 
_struct_site_gen.details 
1 B1 2 LEU A 10 ? LEU L 10 . ? 1_555 ? 
2 B1 2 ARG A 11 ? ARG L 11 . ? 1_555 ? 
# 
_pdbx_entry_details.entry_id                   1BI6 
_pdbx_entry_details.compound_details           ? 
_pdbx_entry_details.source_details             ? 
_pdbx_entry_details.nonpolymer_details         ? 
_pdbx_entry_details.sequence_details           ? 
_pdbx_entry_details.has_ligand_of_interest     ? 
_pdbx_entry_details.has_protein_modification   Y 
# 
loop_
_pdbx_validate_torsion.id 
_pdbx_validate_torsion.PDB_model_num 
_pdbx_validate_torsion.auth_comp_id 
_pdbx_validate_torsion.auth_asym_id 
_pdbx_validate_torsion.auth_seq_id 
_pdbx_validate_torsion.PDB_ins_code 
_pdbx_validate_torsion.label_alt_id 
_pdbx_validate_torsion.phi 
_pdbx_validate_torsion.psi 
1  1 ALA L 2  ? ? -98.46  -97.56  
2  1 GLU L 5  ? ? -103.26 67.65   
3  1 CYS L 8  ? ? -166.02 60.63   
4  1 LEU L 10 ? ? 172.86  67.93   
5  1 TYR H 3  ? ? -36.83  -77.19  
6  1 CYS H 5  ? ? -39.66  162.31  
7  1 ASP H 13 ? ? 178.47  153.75  
8  1 PHE H 25 ? ? 50.83   17.85   
9  1 LYS H 27 ? ? -102.06 -167.79 
10 1 SER H 35 ? ? -166.30 79.09   
11 1 ASN H 37 ? ? 178.64  -161.23 
12 1 CYS H 39 ? ? -176.85 -175.25 
# 
_pdbx_validate_planes.id              1 
_pdbx_validate_planes.PDB_model_num   1 
_pdbx_validate_planes.auth_comp_id    ARG 
_pdbx_validate_planes.auth_asym_id    L 
_pdbx_validate_planes.auth_seq_id     11 
_pdbx_validate_planes.PDB_ins_code    ? 
_pdbx_validate_planes.label_alt_id    ? 
_pdbx_validate_planes.rmsd            0.276 
_pdbx_validate_planes.type            'SIDE CHAIN' 
# 
_pdbx_nmr_ensemble.entry_id                             1BI6 
_pdbx_nmr_ensemble.conformers_calculated_total_number   ? 
_pdbx_nmr_ensemble.conformers_submitted_total_number    1 
_pdbx_nmr_ensemble.conformer_selection_criteria         ? 
# 
_pdbx_nmr_software.classification   refinement 
_pdbx_nmr_software.name             X-PLOR 
_pdbx_nmr_software.version          ? 
_pdbx_nmr_software.authors          BRUNGER 
_pdbx_nmr_software.ordinal          1 
# 
loop_
_chem_comp_atom.comp_id 
_chem_comp_atom.atom_id 
_chem_comp_atom.type_symbol 
_chem_comp_atom.pdbx_aromatic_flag 
_chem_comp_atom.pdbx_stereo_config 
_chem_comp_atom.pdbx_ordinal 
ALA N    N N N 1   
ALA CA   C N S 2   
ALA C    C N N 3   
ALA O    O N N 4   
ALA CB   C N N 5   
ALA OXT  O N N 6   
ALA H    H N N 7   
ALA H2   H N N 8   
ALA HA   H N N 9   
ALA HB1  H N N 10  
ALA HB2  H N N 11  
ALA HB3  H N N 12  
ALA HXT  H N N 13  
ARG N    N N N 14  
ARG CA   C N S 15  
ARG C    C N N 16  
ARG O    O N N 17  
ARG CB   C N N 18  
ARG CG   C N N 19  
ARG CD   C N N 20  
ARG NE   N N N 21  
ARG CZ   C N N 22  
ARG NH1  N N N 23  
ARG NH2  N N N 24  
ARG OXT  O N N 25  
ARG H    H N N 26  
ARG H2   H N N 27  
ARG HA   H N N 28  
ARG HB2  H N N 29  
ARG HB3  H N N 30  
ARG HG2  H N N 31  
ARG HG3  H N N 32  
ARG HD2  H N N 33  
ARG HD3  H N N 34  
ARG HE   H N N 35  
ARG HH11 H N N 36  
ARG HH12 H N N 37  
ARG HH21 H N N 38  
ARG HH22 H N N 39  
ARG HXT  H N N 40  
ASN N    N N N 41  
ASN CA   C N S 42  
ASN C    C N N 43  
ASN O    O N N 44  
ASN CB   C N N 45  
ASN CG   C N N 46  
ASN OD1  O N N 47  
ASN ND2  N N N 48  
ASN OXT  O N N 49  
ASN H    H N N 50  
ASN H2   H N N 51  
ASN HA   H N N 52  
ASN HB2  H N N 53  
ASN HB3  H N N 54  
ASN HD21 H N N 55  
ASN HD22 H N N 56  
ASN HXT  H N N 57  
ASP N    N N N 58  
ASP CA   C N S 59  
ASP C    C N N 60  
ASP O    O N N 61  
ASP CB   C N N 62  
ASP CG   C N N 63  
ASP OD1  O N N 64  
ASP OD2  O N N 65  
ASP OXT  O N N 66  
ASP H    H N N 67  
ASP H2   H N N 68  
ASP HA   H N N 69  
ASP HB2  H N N 70  
ASP HB3  H N N 71  
ASP HD2  H N N 72  
ASP HXT  H N N 73  
CYS N    N N N 74  
CYS CA   C N R 75  
CYS C    C N N 76  
CYS O    O N N 77  
CYS CB   C N N 78  
CYS SG   S N N 79  
CYS OXT  O N N 80  
CYS H    H N N 81  
CYS H2   H N N 82  
CYS HA   H N N 83  
CYS HB2  H N N 84  
CYS HB3  H N N 85  
CYS HG   H N N 86  
CYS HXT  H N N 87  
GLU N    N N N 88  
GLU CA   C N S 89  
GLU C    C N N 90  
GLU O    O N N 91  
GLU CB   C N N 92  
GLU CG   C N N 93  
GLU CD   C N N 94  
GLU OE1  O N N 95  
GLU OE2  O N N 96  
GLU OXT  O N N 97  
GLU H    H N N 98  
GLU H2   H N N 99  
GLU HA   H N N 100 
GLU HB2  H N N 101 
GLU HB3  H N N 102 
GLU HG2  H N N 103 
GLU HG3  H N N 104 
GLU HE2  H N N 105 
GLU HXT  H N N 106 
GLY N    N N N 107 
GLY CA   C N N 108 
GLY C    C N N 109 
GLY O    O N N 110 
GLY OXT  O N N 111 
GLY H    H N N 112 
GLY H2   H N N 113 
GLY HA2  H N N 114 
GLY HA3  H N N 115 
GLY HXT  H N N 116 
ILE N    N N N 117 
ILE CA   C N S 118 
ILE C    C N N 119 
ILE O    O N N 120 
ILE CB   C N S 121 
ILE CG1  C N N 122 
ILE CG2  C N N 123 
ILE CD1  C N N 124 
ILE OXT  O N N 125 
ILE H    H N N 126 
ILE H2   H N N 127 
ILE HA   H N N 128 
ILE HB   H N N 129 
ILE HG12 H N N 130 
ILE HG13 H N N 131 
ILE HG21 H N N 132 
ILE HG22 H N N 133 
ILE HG23 H N N 134 
ILE HD11 H N N 135 
ILE HD12 H N N 136 
ILE HD13 H N N 137 
ILE HXT  H N N 138 
LEU N    N N N 139 
LEU CA   C N S 140 
LEU C    C N N 141 
LEU O    O N N 142 
LEU CB   C N N 143 
LEU CG   C N N 144 
LEU CD1  C N N 145 
LEU CD2  C N N 146 
LEU OXT  O N N 147 
LEU H    H N N 148 
LEU H2   H N N 149 
LEU HA   H N N 150 
LEU HB2  H N N 151 
LEU HB3  H N N 152 
LEU HG   H N N 153 
LEU HD11 H N N 154 
LEU HD12 H N N 155 
LEU HD13 H N N 156 
LEU HD21 H N N 157 
LEU HD22 H N N 158 
LEU HD23 H N N 159 
LEU HXT  H N N 160 
LYS N    N N N 161 
LYS CA   C N S 162 
LYS C    C N N 163 
LYS O    O N N 164 
LYS CB   C N N 165 
LYS CG   C N N 166 
LYS CD   C N N 167 
LYS CE   C N N 168 
LYS NZ   N N N 169 
LYS OXT  O N N 170 
LYS H    H N N 171 
LYS H2   H N N 172 
LYS HA   H N N 173 
LYS HB2  H N N 174 
LYS HB3  H N N 175 
LYS HG2  H N N 176 
LYS HG3  H N N 177 
LYS HD2  H N N 178 
LYS HD3  H N N 179 
LYS HE2  H N N 180 
LYS HE3  H N N 181 
LYS HZ1  H N N 182 
LYS HZ2  H N N 183 
LYS HZ3  H N N 184 
LYS HXT  H N N 185 
PHE N    N N N 186 
PHE CA   C N S 187 
PHE C    C N N 188 
PHE O    O N N 189 
PHE CB   C N N 190 
PHE CG   C Y N 191 
PHE CD1  C Y N 192 
PHE CD2  C Y N 193 
PHE CE1  C Y N 194 
PHE CE2  C Y N 195 
PHE CZ   C Y N 196 
PHE OXT  O N N 197 
PHE H    H N N 198 
PHE H2   H N N 199 
PHE HA   H N N 200 
PHE HB2  H N N 201 
PHE HB3  H N N 202 
PHE HD1  H N N 203 
PHE HD2  H N N 204 
PHE HE1  H N N 205 
PHE HE2  H N N 206 
PHE HZ   H N N 207 
PHE HXT  H N N 208 
PRO N    N N N 209 
PRO CA   C N S 210 
PRO C    C N N 211 
PRO O    O N N 212 
PRO CB   C N N 213 
PRO CG   C N N 214 
PRO CD   C N N 215 
PRO OXT  O N N 216 
PRO H    H N N 217 
PRO HA   H N N 218 
PRO HB2  H N N 219 
PRO HB3  H N N 220 
PRO HG2  H N N 221 
PRO HG3  H N N 222 
PRO HD2  H N N 223 
PRO HD3  H N N 224 
PRO HXT  H N N 225 
SER N    N N N 226 
SER CA   C N S 227 
SER C    C N N 228 
SER O    O N N 229 
SER CB   C N N 230 
SER OG   O N N 231 
SER OXT  O N N 232 
SER H    H N N 233 
SER H2   H N N 234 
SER HA   H N N 235 
SER HB2  H N N 236 
SER HB3  H N N 237 
SER HG   H N N 238 
SER HXT  H N N 239 
THR N    N N N 240 
THR CA   C N S 241 
THR C    C N N 242 
THR O    O N N 243 
THR CB   C N R 244 
THR OG1  O N N 245 
THR CG2  C N N 246 
THR OXT  O N N 247 
THR H    H N N 248 
THR H2   H N N 249 
THR HA   H N N 250 
THR HB   H N N 251 
THR HG1  H N N 252 
THR HG21 H N N 253 
THR HG22 H N N 254 
THR HG23 H N N 255 
THR HXT  H N N 256 
TYR N    N N N 257 
TYR CA   C N S 258 
TYR C    C N N 259 
TYR O    O N N 260 
TYR CB   C N N 261 
TYR CG   C Y N 262 
TYR CD1  C Y N 263 
TYR CD2  C Y N 264 
TYR CE1  C Y N 265 
TYR CE2  C Y N 266 
TYR CZ   C Y N 267 
TYR OH   O N N 268 
TYR OXT  O N N 269 
TYR H    H N N 270 
TYR H2   H N N 271 
TYR HA   H N N 272 
TYR HB2  H N N 273 
TYR HB3  H N N 274 
TYR HD1  H N N 275 
TYR HD2  H N N 276 
TYR HE1  H N N 277 
TYR HE2  H N N 278 
TYR HH   H N N 279 
TYR HXT  H N N 280 
VAL N    N N N 281 
VAL CA   C N S 282 
VAL C    C N N 283 
VAL O    O N N 284 
VAL CB   C N N 285 
VAL CG1  C N N 286 
VAL CG2  C N N 287 
VAL OXT  O N N 288 
VAL H    H N N 289 
VAL H2   H N N 290 
VAL HA   H N N 291 
VAL HB   H N N 292 
VAL HG11 H N N 293 
VAL HG12 H N N 294 
VAL HG13 H N N 295 
VAL HG21 H N N 296 
VAL HG22 H N N 297 
VAL HG23 H N N 298 
VAL HXT  H N N 299 
# 
loop_
_chem_comp_bond.comp_id 
_chem_comp_bond.atom_id_1 
_chem_comp_bond.atom_id_2 
_chem_comp_bond.value_order 
_chem_comp_bond.pdbx_aromatic_flag 
_chem_comp_bond.pdbx_stereo_config 
_chem_comp_bond.pdbx_ordinal 
ALA N   CA   sing N N 1   
ALA N   H    sing N N 2   
ALA N   H2   sing N N 3   
ALA CA  C    sing N N 4   
ALA CA  CB   sing N N 5   
ALA CA  HA   sing N N 6   
ALA C   O    doub N N 7   
ALA C   OXT  sing N N 8   
ALA CB  HB1  sing N N 9   
ALA CB  HB2  sing N N 10  
ALA CB  HB3  sing N N 11  
ALA OXT HXT  sing N N 12  
ARG N   CA   sing N N 13  
ARG N   H    sing N N 14  
ARG N   H2   sing N N 15  
ARG CA  C    sing N N 16  
ARG CA  CB   sing N N 17  
ARG CA  HA   sing N N 18  
ARG C   O    doub N N 19  
ARG C   OXT  sing N N 20  
ARG CB  CG   sing N N 21  
ARG CB  HB2  sing N N 22  
ARG CB  HB3  sing N N 23  
ARG CG  CD   sing N N 24  
ARG CG  HG2  sing N N 25  
ARG CG  HG3  sing N N 26  
ARG CD  NE   sing N N 27  
ARG CD  HD2  sing N N 28  
ARG CD  HD3  sing N N 29  
ARG NE  CZ   sing N N 30  
ARG NE  HE   sing N N 31  
ARG CZ  NH1  sing N N 32  
ARG CZ  NH2  doub N N 33  
ARG NH1 HH11 sing N N 34  
ARG NH1 HH12 sing N N 35  
ARG NH2 HH21 sing N N 36  
ARG NH2 HH22 sing N N 37  
ARG OXT HXT  sing N N 38  
ASN N   CA   sing N N 39  
ASN N   H    sing N N 40  
ASN N   H2   sing N N 41  
ASN CA  C    sing N N 42  
ASN CA  CB   sing N N 43  
ASN CA  HA   sing N N 44  
ASN C   O    doub N N 45  
ASN C   OXT  sing N N 46  
ASN CB  CG   sing N N 47  
ASN CB  HB2  sing N N 48  
ASN CB  HB3  sing N N 49  
ASN CG  OD1  doub N N 50  
ASN CG  ND2  sing N N 51  
ASN ND2 HD21 sing N N 52  
ASN ND2 HD22 sing N N 53  
ASN OXT HXT  sing N N 54  
ASP N   CA   sing N N 55  
ASP N   H    sing N N 56  
ASP N   H2   sing N N 57  
ASP CA  C    sing N N 58  
ASP CA  CB   sing N N 59  
ASP CA  HA   sing N N 60  
ASP C   O    doub N N 61  
ASP C   OXT  sing N N 62  
ASP CB  CG   sing N N 63  
ASP CB  HB2  sing N N 64  
ASP CB  HB3  sing N N 65  
ASP CG  OD1  doub N N 66  
ASP CG  OD2  sing N N 67  
ASP OD2 HD2  sing N N 68  
ASP OXT HXT  sing N N 69  
CYS N   CA   sing N N 70  
CYS N   H    sing N N 71  
CYS N   H2   sing N N 72  
CYS CA  C    sing N N 73  
CYS CA  CB   sing N N 74  
CYS CA  HA   sing N N 75  
CYS C   O    doub N N 76  
CYS C   OXT  sing N N 77  
CYS CB  SG   sing N N 78  
CYS CB  HB2  sing N N 79  
CYS CB  HB3  sing N N 80  
CYS SG  HG   sing N N 81  
CYS OXT HXT  sing N N 82  
GLU N   CA   sing N N 83  
GLU N   H    sing N N 84  
GLU N   H2   sing N N 85  
GLU CA  C    sing N N 86  
GLU CA  CB   sing N N 87  
GLU CA  HA   sing N N 88  
GLU C   O    doub N N 89  
GLU C   OXT  sing N N 90  
GLU CB  CG   sing N N 91  
GLU CB  HB2  sing N N 92  
GLU CB  HB3  sing N N 93  
GLU CG  CD   sing N N 94  
GLU CG  HG2  sing N N 95  
GLU CG  HG3  sing N N 96  
GLU CD  OE1  doub N N 97  
GLU CD  OE2  sing N N 98  
GLU OE2 HE2  sing N N 99  
GLU OXT HXT  sing N N 100 
GLY N   CA   sing N N 101 
GLY N   H    sing N N 102 
GLY N   H2   sing N N 103 
GLY CA  C    sing N N 104 
GLY CA  HA2  sing N N 105 
GLY CA  HA3  sing N N 106 
GLY C   O    doub N N 107 
GLY C   OXT  sing N N 108 
GLY OXT HXT  sing N N 109 
ILE N   CA   sing N N 110 
ILE N   H    sing N N 111 
ILE N   H2   sing N N 112 
ILE CA  C    sing N N 113 
ILE CA  CB   sing N N 114 
ILE CA  HA   sing N N 115 
ILE C   O    doub N N 116 
ILE C   OXT  sing N N 117 
ILE CB  CG1  sing N N 118 
ILE CB  CG2  sing N N 119 
ILE CB  HB   sing N N 120 
ILE CG1 CD1  sing N N 121 
ILE CG1 HG12 sing N N 122 
ILE CG1 HG13 sing N N 123 
ILE CG2 HG21 sing N N 124 
ILE CG2 HG22 sing N N 125 
ILE CG2 HG23 sing N N 126 
ILE CD1 HD11 sing N N 127 
ILE CD1 HD12 sing N N 128 
ILE CD1 HD13 sing N N 129 
ILE OXT HXT  sing N N 130 
LEU N   CA   sing N N 131 
LEU N   H    sing N N 132 
LEU N   H2   sing N N 133 
LEU CA  C    sing N N 134 
LEU CA  CB   sing N N 135 
LEU CA  HA   sing N N 136 
LEU C   O    doub N N 137 
LEU C   OXT  sing N N 138 
LEU CB  CG   sing N N 139 
LEU CB  HB2  sing N N 140 
LEU CB  HB3  sing N N 141 
LEU CG  CD1  sing N N 142 
LEU CG  CD2  sing N N 143 
LEU CG  HG   sing N N 144 
LEU CD1 HD11 sing N N 145 
LEU CD1 HD12 sing N N 146 
LEU CD1 HD13 sing N N 147 
LEU CD2 HD21 sing N N 148 
LEU CD2 HD22 sing N N 149 
LEU CD2 HD23 sing N N 150 
LEU OXT HXT  sing N N 151 
LYS N   CA   sing N N 152 
LYS N   H    sing N N 153 
LYS N   H2   sing N N 154 
LYS CA  C    sing N N 155 
LYS CA  CB   sing N N 156 
LYS CA  HA   sing N N 157 
LYS C   O    doub N N 158 
LYS C   OXT  sing N N 159 
LYS CB  CG   sing N N 160 
LYS CB  HB2  sing N N 161 
LYS CB  HB3  sing N N 162 
LYS CG  CD   sing N N 163 
LYS CG  HG2  sing N N 164 
LYS CG  HG3  sing N N 165 
LYS CD  CE   sing N N 166 
LYS CD  HD2  sing N N 167 
LYS CD  HD3  sing N N 168 
LYS CE  NZ   sing N N 169 
LYS CE  HE2  sing N N 170 
LYS CE  HE3  sing N N 171 
LYS NZ  HZ1  sing N N 172 
LYS NZ  HZ2  sing N N 173 
LYS NZ  HZ3  sing N N 174 
LYS OXT HXT  sing N N 175 
PHE N   CA   sing N N 176 
PHE N   H    sing N N 177 
PHE N   H2   sing N N 178 
PHE CA  C    sing N N 179 
PHE CA  CB   sing N N 180 
PHE CA  HA   sing N N 181 
PHE C   O    doub N N 182 
PHE C   OXT  sing N N 183 
PHE CB  CG   sing N N 184 
PHE CB  HB2  sing N N 185 
PHE CB  HB3  sing N N 186 
PHE CG  CD1  doub Y N 187 
PHE CG  CD2  sing Y N 188 
PHE CD1 CE1  sing Y N 189 
PHE CD1 HD1  sing N N 190 
PHE CD2 CE2  doub Y N 191 
PHE CD2 HD2  sing N N 192 
PHE CE1 CZ   doub Y N 193 
PHE CE1 HE1  sing N N 194 
PHE CE2 CZ   sing Y N 195 
PHE CE2 HE2  sing N N 196 
PHE CZ  HZ   sing N N 197 
PHE OXT HXT  sing N N 198 
PRO N   CA   sing N N 199 
PRO N   CD   sing N N 200 
PRO N   H    sing N N 201 
PRO CA  C    sing N N 202 
PRO CA  CB   sing N N 203 
PRO CA  HA   sing N N 204 
PRO C   O    doub N N 205 
PRO C   OXT  sing N N 206 
PRO CB  CG   sing N N 207 
PRO CB  HB2  sing N N 208 
PRO CB  HB3  sing N N 209 
PRO CG  CD   sing N N 210 
PRO CG  HG2  sing N N 211 
PRO CG  HG3  sing N N 212 
PRO CD  HD2  sing N N 213 
PRO CD  HD3  sing N N 214 
PRO OXT HXT  sing N N 215 
SER N   CA   sing N N 216 
SER N   H    sing N N 217 
SER N   H2   sing N N 218 
SER CA  C    sing N N 219 
SER CA  CB   sing N N 220 
SER CA  HA   sing N N 221 
SER C   O    doub N N 222 
SER C   OXT  sing N N 223 
SER CB  OG   sing N N 224 
SER CB  HB2  sing N N 225 
SER CB  HB3  sing N N 226 
SER OG  HG   sing N N 227 
SER OXT HXT  sing N N 228 
THR N   CA   sing N N 229 
THR N   H    sing N N 230 
THR N   H2   sing N N 231 
THR CA  C    sing N N 232 
THR CA  CB   sing N N 233 
THR CA  HA   sing N N 234 
THR C   O    doub N N 235 
THR C   OXT  sing N N 236 
THR CB  OG1  sing N N 237 
THR CB  CG2  sing N N 238 
THR CB  HB   sing N N 239 
THR OG1 HG1  sing N N 240 
THR CG2 HG21 sing N N 241 
THR CG2 HG22 sing N N 242 
THR CG2 HG23 sing N N 243 
THR OXT HXT  sing N N 244 
TYR N   CA   sing N N 245 
TYR N   H    sing N N 246 
TYR N   H2   sing N N 247 
TYR CA  C    sing N N 248 
TYR CA  CB   sing N N 249 
TYR CA  HA   sing N N 250 
TYR C   O    doub N N 251 
TYR C   OXT  sing N N 252 
TYR CB  CG   sing N N 253 
TYR CB  HB2  sing N N 254 
TYR CB  HB3  sing N N 255 
TYR CG  CD1  doub Y N 256 
TYR CG  CD2  sing Y N 257 
TYR CD1 CE1  sing Y N 258 
TYR CD1 HD1  sing N N 259 
TYR CD2 CE2  doub Y N 260 
TYR CD2 HD2  sing N N 261 
TYR CE1 CZ   doub Y N 262 
TYR CE1 HE1  sing N N 263 
TYR CE2 CZ   sing Y N 264 
TYR CE2 HE2  sing N N 265 
TYR CZ  OH   sing N N 266 
TYR OH  HH   sing N N 267 
TYR OXT HXT  sing N N 268 
VAL N   CA   sing N N 269 
VAL N   H    sing N N 270 
VAL N   H2   sing N N 271 
VAL CA  C    sing N N 272 
VAL CA  CB   sing N N 273 
VAL CA  HA   sing N N 274 
VAL C   O    doub N N 275 
VAL C   OXT  sing N N 276 
VAL CB  CG1  sing N N 277 
VAL CB  CG2  sing N N 278 
VAL CB  HB   sing N N 279 
VAL CG1 HG11 sing N N 280 
VAL CG1 HG12 sing N N 281 
VAL CG1 HG13 sing N N 282 
VAL CG2 HG21 sing N N 283 
VAL CG2 HG22 sing N N 284 
VAL CG2 HG23 sing N N 285 
VAL OXT HXT  sing N N 286 
# 
_atom_sites.entry_id                    1BI6 
_atom_sites.fract_transf_matrix[1][1]   1.000000 
_atom_sites.fract_transf_matrix[1][2]   0.000000 
_atom_sites.fract_transf_matrix[1][3]   0.000000 
_atom_sites.fract_transf_matrix[2][1]   0.000000 
_atom_sites.fract_transf_matrix[2][2]   1.000000 
_atom_sites.fract_transf_matrix[2][3]   0.000000 
_atom_sites.fract_transf_matrix[3][1]   0.000000 
_atom_sites.fract_transf_matrix[3][2]   0.000000 
_atom_sites.fract_transf_matrix[3][3]   1.000000 
_atom_sites.fract_transf_vector[1]      0.00000 
_atom_sites.fract_transf_vector[2]      0.00000 
_atom_sites.fract_transf_vector[3]      0.00000 
# 
loop_
_atom_type.symbol 
C 
H 
N 
O 
S 
# 
loop_
_atom_site.group_PDB 
_atom_site.id 
_atom_site.type_symbol 
_atom_site.label_atom_id 
_atom_site.label_alt_id 
_atom_site.label_comp_id 
_atom_site.label_asym_id 
_atom_site.label_entity_id 
_atom_site.label_seq_id 
_atom_site.pdbx_PDB_ins_code 
_atom_site.Cartn_x 
_atom_site.Cartn_y 
_atom_site.Cartn_z 
_atom_site.occupancy 
_atom_site.B_iso_or_equiv 
_atom_site.pdbx_formal_charge 
_atom_site.auth_seq_id 
_atom_site.auth_comp_id 
_atom_site.auth_asym_id 
_atom_site.auth_atom_id 
_atom_site.pdbx_PDB_model_num 
ATOM 1   N N    . THR A 1 1  ? -7.658  -3.808  7.399   1.00 0.00 ? 1  THR L N    1 
ATOM 2   C CA   . THR A 1 1  ? -7.404  -4.236  5.993   1.00 0.00 ? 1  THR L CA   1 
ATOM 3   C C    . THR A 1 1  ? -6.859  -3.051  5.191   1.00 0.00 ? 1  THR L C    1 
ATOM 4   O O    . THR A 1 1  ? -7.577  -2.127  4.867   1.00 0.00 ? 1  THR L O    1 
ATOM 5   C CB   . THR A 1 1  ? -8.711  -4.721  5.364   1.00 0.00 ? 1  THR L CB   1 
ATOM 6   O OG1  . THR A 1 1  ? -9.067  -5.977  5.926   1.00 0.00 ? 1  THR L OG1  1 
ATOM 7   C CG2  . THR A 1 1  ? -8.530  -4.869  3.853   1.00 0.00 ? 1  THR L CG2  1 
ATOM 8   H H1   . THR A 1 1  ? -6.821  -3.317  7.769   1.00 0.00 ? 1  THR L H1   1 
ATOM 9   H H2   . THR A 1 1  ? -8.477  -3.166  7.422   1.00 0.00 ? 1  THR L H2   1 
ATOM 10  H H3   . THR A 1 1  ? -7.855  -4.643  7.985   1.00 0.00 ? 1  THR L H3   1 
ATOM 11  H HA   . THR A 1 1  ? -6.681  -5.038  5.987   1.00 0.00 ? 1  THR L HA   1 
ATOM 12  H HB   . THR A 1 1  ? -9.493  -4.004  5.560   1.00 0.00 ? 1  THR L HB   1 
ATOM 13  H HG1  . THR A 1 1  ? -9.822  -5.840  6.504   1.00 0.00 ? 1  THR L HG1  1 
ATOM 14  H HG21 . THR A 1 1  ? -7.586  -5.354  3.649   1.00 0.00 ? 1  THR L HG21 1 
ATOM 15  H HG22 . THR A 1 1  ? -9.336  -5.463  3.448   1.00 0.00 ? 1  THR L HG22 1 
ATOM 16  H HG23 . THR A 1 1  ? -8.537  -3.891  3.393   1.00 0.00 ? 1  THR L HG23 1 
ATOM 17  N N    . ALA A 1 2  ? -5.594  -3.070  4.871   1.00 0.00 ? 2  ALA L N    1 
ATOM 18  C CA   . ALA A 1 2  ? -5.009  -1.943  4.092   1.00 0.00 ? 2  ALA L CA   1 
ATOM 19  C C    . ALA A 1 2  ? -4.937  -2.327  2.609   1.00 0.00 ? 2  ALA L C    1 
ATOM 20  O O    . ALA A 1 2  ? -5.907  -2.214  1.885   1.00 0.00 ? 2  ALA L O    1 
ATOM 21  C CB   . ALA A 1 2  ? -3.605  -1.634  4.615   1.00 0.00 ? 2  ALA L CB   1 
ATOM 22  H H    . ALA A 1 2  ? -5.029  -3.824  5.142   1.00 0.00 ? 2  ALA L H    1 
ATOM 23  H HA   . ALA A 1 2  ? -5.634  -1.069  4.204   1.00 0.00 ? 2  ALA L HA   1 
ATOM 24  H HB1  . ALA A 1 2  ? -3.135  -2.548  4.947   1.00 0.00 ? 2  ALA L HB1  1 
ATOM 25  H HB2  . ALA A 1 2  ? -3.016  -1.192  3.825   1.00 0.00 ? 2  ALA L HB2  1 
ATOM 26  H HB3  . ALA A 1 2  ? -3.674  -0.943  5.442   1.00 0.00 ? 2  ALA L HB3  1 
ATOM 27  N N    . CYS A 1 3  ? -3.800  -2.775  2.149   1.00 0.00 ? 3  CYS L N    1 
ATOM 28  C CA   . CYS A 1 3  ? -3.674  -3.157  0.717   1.00 0.00 ? 3  CYS L CA   1 
ATOM 29  C C    . CYS A 1 3  ? -3.110  -4.577  0.616   1.00 0.00 ? 3  CYS L C    1 
ATOM 30  O O    . CYS A 1 3  ? -2.594  -5.121  1.572   1.00 0.00 ? 3  CYS L O    1 
ATOM 31  C CB   . CYS A 1 3  ? -2.733  -2.185  -0.005  1.00 0.00 ? 3  CYS L CB   1 
ATOM 32  S SG   . CYS A 1 3  ? -1.570  -1.431  1.167   1.00 0.00 ? 3  CYS L SG   1 
ATOM 33  H H    . CYS A 1 3  ? -3.025  -2.858  2.741   1.00 0.00 ? 3  CYS L H    1 
ATOM 34  H HA   . CYS A 1 3  ? -4.648  -3.126  0.252   1.00 0.00 ? 3  CYS L HA   1 
ATOM 35  H HB2  . CYS A 1 3  ? -2.177  -2.724  -0.753  1.00 0.00 ? 3  CYS L HB2  1 
ATOM 36  H HB3  . CYS A 1 3  ? -3.315  -1.409  -0.481  1.00 0.00 ? 3  CYS L HB3  1 
ATOM 37  N N    . SER A 1 4  ? -3.201  -5.180  -0.538  1.00 0.00 ? 4  SER L N    1 
ATOM 38  C CA   . SER A 1 4  ? -2.669  -6.563  -0.701  1.00 0.00 ? 4  SER L CA   1 
ATOM 39  C C    . SER A 1 4  ? -1.198  -6.495  -1.116  1.00 0.00 ? 4  SER L C    1 
ATOM 40  O O    . SER A 1 4  ? -0.462  -7.454  -0.992  1.00 0.00 ? 4  SER L O    1 
ATOM 41  C CB   . SER A 1 4  ? -3.469  -7.294  -1.779  1.00 0.00 ? 4  SER L CB   1 
ATOM 42  O OG   . SER A 1 4  ? -3.323  -8.698  -1.603  1.00 0.00 ? 4  SER L OG   1 
ATOM 43  H H    . SER A 1 4  ? -3.620  -4.724  -1.298  1.00 0.00 ? 4  SER L H    1 
ATOM 44  H HA   . SER A 1 4  ? -2.756  -7.095  0.235   1.00 0.00 ? 4  SER L HA   1 
ATOM 45  H HB2  . SER A 1 4  ? -4.511  -7.033  -1.697  1.00 0.00 ? 4  SER L HB2  1 
ATOM 46  H HB3  . SER A 1 4  ? -3.104  -7.005  -2.756  1.00 0.00 ? 4  SER L HB3  1 
ATOM 47  H HG   . SER A 1 4  ? -3.106  -8.861  -0.682  1.00 0.00 ? 4  SER L HG   1 
ATOM 48  N N    . GLU A 1 5  ? -0.762  -5.366  -1.607  1.00 0.00 ? 5  GLU L N    1 
ATOM 49  C CA   . GLU A 1 5  ? 0.661   -5.236  -2.029  1.00 0.00 ? 5  GLU L CA   1 
ATOM 50  C C    . GLU A 1 5  ? 1.436   -4.448  -0.970  1.00 0.00 ? 5  GLU L C    1 
ATOM 51  O O    . GLU A 1 5  ? 1.874   -3.339  -1.204  1.00 0.00 ? 5  GLU L O    1 
ATOM 52  C CB   . GLU A 1 5  ? 0.734   -4.501  -3.369  1.00 0.00 ? 5  GLU L CB   1 
ATOM 53  C CG   . GLU A 1 5  ? 1.572   -5.316  -4.355  1.00 0.00 ? 5  GLU L CG   1 
ATOM 54  C CD   . GLU A 1 5  ? 1.971   -4.432  -5.537  1.00 0.00 ? 5  GLU L CD   1 
ATOM 55  O OE1  . GLU A 1 5  ? 2.907   -3.664  -5.387  1.00 0.00 ? 5  GLU L OE1  1 
ATOM 56  O OE2  . GLU A 1 5  ? 1.334   -4.539  -6.572  1.00 0.00 ? 5  GLU L OE2  1 
ATOM 57  H H    . GLU A 1 5  ? -1.371  -4.603  -1.698  1.00 0.00 ? 5  GLU L H    1 
ATOM 58  H HA   . GLU A 1 5  ? 1.096   -6.220  -2.134  1.00 0.00 ? 5  GLU L HA   1 
ATOM 59  H HB2  . GLU A 1 5  ? -0.263  -4.372  -3.763  1.00 0.00 ? 5  GLU L HB2  1 
ATOM 60  H HB3  . GLU A 1 5  ? 1.192   -3.534  -3.224  1.00 0.00 ? 5  GLU L HB3  1 
ATOM 61  H HG2  . GLU A 1 5  ? 2.461   -5.679  -3.859  1.00 0.00 ? 5  GLU L HG2  1 
ATOM 62  H HG3  . GLU A 1 5  ? 0.993   -6.153  -4.714  1.00 0.00 ? 5  GLU L HG3  1 
ATOM 63  N N    . CYS A 1 6  ? 1.606   -5.013  0.194   1.00 0.00 ? 6  CYS L N    1 
ATOM 64  C CA   . CYS A 1 6  ? 2.349   -4.300  1.269   1.00 0.00 ? 6  CYS L CA   1 
ATOM 65  C C    . CYS A 1 6  ? 3.854   -4.467  1.049   1.00 0.00 ? 6  CYS L C    1 
ATOM 66  O O    . CYS A 1 6  ? 4.347   -5.563  0.867   1.00 0.00 ? 6  CYS L O    1 
ATOM 67  C CB   . CYS A 1 6  ? 1.964   -4.886  2.630   1.00 0.00 ? 6  CYS L CB   1 
ATOM 68  S SG   . CYS A 1 6  ? 2.147   -6.686  2.585   1.00 0.00 ? 6  CYS L SG   1 
ATOM 69  H H    . CYS A 1 6  ? 1.244   -5.909  0.361   1.00 0.00 ? 6  CYS L H    1 
ATOM 70  H HA   . CYS A 1 6  ? 2.098   -3.250  1.245   1.00 0.00 ? 6  CYS L HA   1 
ATOM 71  H HB2  . CYS A 1 6  ? 2.608   -4.477  3.394   1.00 0.00 ? 6  CYS L HB2  1 
ATOM 72  H HB3  . CYS A 1 6  ? 0.937   -4.633  2.852   1.00 0.00 ? 6  CYS L HB3  1 
ATOM 73  N N    . VAL A 1 7  ? 4.589   -3.388  1.068   1.00 0.00 ? 7  VAL L N    1 
ATOM 74  C CA   . VAL A 1 7  ? 6.061   -3.485  0.864   1.00 0.00 ? 7  VAL L CA   1 
ATOM 75  C C    . VAL A 1 7  ? 6.751   -3.572  2.225   1.00 0.00 ? 7  VAL L C    1 
ATOM 76  O O    . VAL A 1 7  ? 6.636   -2.682  3.045   1.00 0.00 ? 7  VAL L O    1 
ATOM 77  C CB   . VAL A 1 7  ? 6.556   -2.243  0.118   1.00 0.00 ? 7  VAL L CB   1 
ATOM 78  C CG1  . VAL A 1 7  ? 8.040   -2.404  -0.216  1.00 0.00 ? 7  VAL L CG1  1 
ATOM 79  C CG2  . VAL A 1 7  ? 5.759   -2.075  -1.177  1.00 0.00 ? 7  VAL L CG2  1 
ATOM 80  H H    . VAL A 1 7  ? 4.173   -2.514  1.221   1.00 0.00 ? 7  VAL L H    1 
ATOM 81  H HA   . VAL A 1 7  ? 6.289   -4.368  0.286   1.00 0.00 ? 7  VAL L HA   1 
ATOM 82  H HB   . VAL A 1 7  ? 6.421   -1.371  0.742   1.00 0.00 ? 7  VAL L HB   1 
ATOM 83  H HG11 . VAL A 1 7  ? 8.244   -3.436  -0.460  1.00 0.00 ? 7  VAL L HG11 1 
ATOM 84  H HG12 . VAL A 1 7  ? 8.288   -1.779  -1.061  1.00 0.00 ? 7  VAL L HG12 1 
ATOM 85  H HG13 . VAL A 1 7  ? 8.635   -2.111  0.636   1.00 0.00 ? 7  VAL L HG13 1 
ATOM 86  H HG21 . VAL A 1 7  ? 5.756   -3.007  -1.723  1.00 0.00 ? 7  VAL L HG21 1 
ATOM 87  H HG22 . VAL A 1 7  ? 4.743   -1.793  -0.941  1.00 0.00 ? 7  VAL L HG22 1 
ATOM 88  H HG23 . VAL A 1 7  ? 6.214   -1.305  -1.782  1.00 0.00 ? 7  VAL L HG23 1 
ATOM 89  N N    . CYS A 1 8  ? 7.460   -4.637  2.481   1.00 0.00 ? 8  CYS L N    1 
ATOM 90  C CA   . CYS A 1 8  ? 8.142   -4.769  3.799   1.00 0.00 ? 8  CYS L CA   1 
ATOM 91  C C    . CYS A 1 8  ? 9.174   -5.900  3.748   1.00 0.00 ? 8  CYS L C    1 
ATOM 92  O O    . CYS A 1 8  ? 9.077   -6.854  4.494   1.00 0.00 ? 8  CYS L O    1 
ATOM 93  C CB   . CYS A 1 8  ? 7.099   -5.086  4.869   1.00 0.00 ? 8  CYS L CB   1 
ATOM 94  S SG   . CYS A 1 8  ? 7.145   -3.821  6.159   1.00 0.00 ? 8  CYS L SG   1 
ATOM 95  H H    . CYS A 1 8  ? 7.538   -5.350  1.812   1.00 0.00 ? 8  CYS L H    1 
ATOM 96  H HA   . CYS A 1 8  ? 8.636   -3.841  4.043   1.00 0.00 ? 8  CYS L HA   1 
ATOM 97  H HB2  . CYS A 1 8  ? 6.117   -5.102  4.419   1.00 0.00 ? 8  CYS L HB2  1 
ATOM 98  H HB3  . CYS A 1 8  ? 7.310   -6.051  5.304   1.00 0.00 ? 8  CYS L HB3  1 
ATOM 99  N N    . PRO A 1 9  ? 10.137  -5.759  2.876   1.00 0.00 ? 9  PRO L N    1 
ATOM 100 C CA   . PRO A 1 9  ? 11.208  -6.756  2.715   1.00 0.00 ? 9  PRO L CA   1 
ATOM 101 C C    . PRO A 1 9  ? 12.270  -6.581  3.806   1.00 0.00 ? 9  PRO L C    1 
ATOM 102 O O    . PRO A 1 9  ? 13.392  -6.200  3.537   1.00 0.00 ? 9  PRO L O    1 
ATOM 103 C CB   . PRO A 1 9  ? 11.791  -6.436  1.336   1.00 0.00 ? 9  PRO L CB   1 
ATOM 104 C CG   . PRO A 1 9  ? 11.429  -4.959  1.044   1.00 0.00 ? 9  PRO L CG   1 
ATOM 105 C CD   . PRO A 1 9  ? 10.247  -4.601  1.965   1.00 0.00 ? 9  PRO L CD   1 
ATOM 106 H HA   . PRO A 1 9  ? 10.805  -7.755  2.728   1.00 0.00 ? 9  PRO L HA   1 
ATOM 107 H HB2  . PRO A 1 9  ? 12.865  -6.563  1.351   1.00 0.00 ? 9  PRO L HB2  1 
ATOM 108 H HB3  . PRO A 1 9  ? 11.349  -7.074  0.588   1.00 0.00 ? 9  PRO L HB3  1 
ATOM 109 H HG2  . PRO A 1 9  ? 12.276  -4.321  1.260   1.00 0.00 ? 9  PRO L HG2  1 
ATOM 110 H HG3  . PRO A 1 9  ? 11.134  -4.847  0.012   1.00 0.00 ? 9  PRO L HG3  1 
ATOM 111 H HD2  . PRO A 1 9  ? 10.459  -3.697  2.519   1.00 0.00 ? 9  PRO L HD2  1 
ATOM 112 H HD3  . PRO A 1 9  ? 9.341   -4.492  1.391   1.00 0.00 ? 9  PRO L HD3  1 
ATOM 113 N N    . LEU A 1 10 ? 11.925  -6.858  5.033   1.00 0.00 ? 10 LEU L N    1 
ATOM 114 C CA   . LEU A 1 10 ? 12.913  -6.710  6.139   1.00 0.00 ? 10 LEU L CA   1 
ATOM 115 C C    . LEU A 1 10 ? 12.206  -6.924  7.477   1.00 0.00 ? 10 LEU L C    1 
ATOM 116 O O    . LEU A 1 10 ? 12.055  -6.009  8.263   1.00 0.00 ? 10 LEU L O    1 
ATOM 117 C CB   . LEU A 1 10 ? 13.521  -5.306  6.102   1.00 0.00 ? 10 LEU L CB   1 
ATOM 118 C CG   . LEU A 1 10 ? 15.032  -5.401  6.322   1.00 0.00 ? 10 LEU L CG   1 
ATOM 119 C CD1  . LEU A 1 10 ? 15.764  -4.859  5.093   1.00 0.00 ? 10 LEU L CD1  1 
ATOM 120 C CD2  . LEU A 1 10 ? 15.421  -4.577  7.552   1.00 0.00 ? 10 LEU L CD2  1 
ATOM 121 H H    . LEU A 1 10 ? 11.015  -7.167  5.227   1.00 0.00 ? 10 LEU L H    1 
ATOM 122 H HA   . LEU A 1 10 ? 13.696  -7.445  6.023   1.00 0.00 ? 10 LEU L HA   1 
ATOM 123 H HB2  . LEU A 1 10 ? 13.323  -4.852  5.142   1.00 0.00 ? 10 LEU L HB2  1 
ATOM 124 H HB3  . LEU A 1 10 ? 13.084  -4.704  6.884   1.00 0.00 ? 10 LEU L HB3  1 
ATOM 125 H HG   . LEU A 1 10 ? 15.308  -6.434  6.476   1.00 0.00 ? 10 LEU L HG   1 
ATOM 126 H HD11 . LEU A 1 10 ? 15.352  -5.308  4.200   1.00 0.00 ? 10 LEU L HD11 1 
ATOM 127 H HD12 . LEU A 1 10 ? 15.642  -3.787  5.044   1.00 0.00 ? 10 LEU L HD12 1 
ATOM 128 H HD13 . LEU A 1 10 ? 16.814  -5.099  5.165   1.00 0.00 ? 10 LEU L HD13 1 
ATOM 129 H HD21 . LEU A 1 10 ? 14.742  -4.797  8.362   1.00 0.00 ? 10 LEU L HD21 1 
ATOM 130 H HD22 . LEU A 1 10 ? 16.428  -4.826  7.848   1.00 0.00 ? 10 LEU L HD22 1 
ATOM 131 H HD23 . LEU A 1 10 ? 15.365  -3.525  7.311   1.00 0.00 ? 10 LEU L HD23 1 
ATOM 132 N N    . ARG A 1 11 ? 11.769  -8.124  7.743   1.00 0.00 ? 11 ARG L N    1 
ATOM 133 C CA   . ARG A 1 11 ? 11.071  -8.397  9.025   1.00 0.00 ? 11 ARG L CA   1 
ATOM 134 C C    . ARG A 1 11 ? 12.025  -8.144  10.195  1.00 0.00 ? 11 ARG L C    1 
ATOM 135 O O    . ARG A 1 11 ? 11.587  -7.567  11.176  1.00 0.00 ? 11 ARG L O    1 
ATOM 136 C CB   . ARG A 1 11 ? 10.616  -9.855  9.040   1.00 0.00 ? 11 ARG L CB   1 
ATOM 137 C CG   . ARG A 1 11 ? 11.832  -10.771 8.892   1.00 0.00 ? 11 ARG L CG   1 
ATOM 138 C CD   . ARG A 1 11 ? 11.921  -11.703 10.101  1.00 0.00 ? 11 ARG L CD   1 
ATOM 139 N NE   . ARG A 1 11 ? 11.896  -10.898 11.354  1.00 0.00 ? 11 ARG L NE   1 
ATOM 140 C CZ   . ARG A 1 11 ? 12.560  -11.302 12.402  1.00 0.00 ? 11 ARG L CZ   1 
ATOM 141 N NH1  . ARG A 1 11 ? 12.270  -12.449 12.956  1.00 0.00 ? 11 ARG L NH1  1 
ATOM 142 N NH2  . ARG A 1 11 ? 13.516  -10.565 12.894  1.00 0.00 ? 11 ARG L NH2  1 
ATOM 143 O OXT  . ARG A 1 11 ? 13.178  -8.531  10.089  1.00 0.00 ? 11 ARG L OXT  1 
ATOM 144 H H    . ARG A 1 11 ? 11.898  -8.848  7.097   1.00 0.00 ? 11 ARG L H    1 
ATOM 145 H HA   . ARG A 1 11 ? 10.212  -7.751  9.112   1.00 0.00 ? 11 ARG L HA   1 
ATOM 146 H HB2  . ARG A 1 11 ? 10.119  -10.065 9.972   1.00 0.00 ? 11 ARG L HB2  1 
ATOM 147 H HB3  . ARG A 1 11 ? 9.935   -10.029 8.220   1.00 0.00 ? 11 ARG L HB3  1 
ATOM 148 H HG2  . ARG A 1 11 ? 11.732  -11.357 7.989   1.00 0.00 ? 11 ARG L HG2  1 
ATOM 149 H HG3  . ARG A 1 11 ? 12.728  -10.172 8.835   1.00 0.00 ? 11 ARG L HG3  1 
ATOM 150 H HD2  . ARG A 1 11 ? 11.082  -12.384 10.094  1.00 0.00 ? 11 ARG L HD2  1 
ATOM 151 H HD3  . ARG A 1 11 ? 12.841  -12.266 10.054  1.00 0.00 ? 11 ARG L HD3  1 
ATOM 152 H HE   . ARG A 1 11 ? 11.382  -10.064 11.390  1.00 0.00 ? 11 ARG L HE   1 
ATOM 153 H HH11 . ARG A 1 11 ? 11.539  -13.017 12.576  1.00 0.00 ? 11 ARG L HH11 1 
ATOM 154 H HH12 . ARG A 1 11 ? 12.776  -12.759 13.760  1.00 0.00 ? 11 ARG L HH12 1 
ATOM 155 H HH21 . ARG A 1 11 ? 13.741  -9.687  12.469  1.00 0.00 ? 11 ARG L HH21 1 
ATOM 156 H HH22 . ARG A 1 11 ? 14.024  -10.875 13.697  1.00 0.00 ? 11 ARG L HH22 1 
ATOM 157 N N    . GLU B 2 1  ? 5.515   -6.234  9.798   1.00 0.00 ? 1  GLU H N    1 
ATOM 158 C CA   . GLU B 2 1  ? 6.742   -6.928  9.312   1.00 0.00 ? 1  GLU H CA   1 
ATOM 159 C C    . GLU B 2 1  ? 7.979   -6.181  9.810   1.00 0.00 ? 1  GLU H C    1 
ATOM 160 O O    . GLU B 2 1  ? 8.882   -6.762  10.378  1.00 0.00 ? 1  GLU H O    1 
ATOM 161 C CB   . GLU B 2 1  ? 6.741   -6.953  7.782   1.00 0.00 ? 1  GLU H CB   1 
ATOM 162 C CG   . GLU B 2 1  ? 7.929   -7.778  7.276   1.00 0.00 ? 1  GLU H CG   1 
ATOM 163 C CD   . GLU B 2 1  ? 7.444   -9.168  6.865   1.00 0.00 ? 1  GLU H CD   1 
ATOM 164 O OE1  . GLU B 2 1  ? 6.317   -9.272  6.410   1.00 0.00 ? 1  GLU H OE1  1 
ATOM 165 O OE2  . GLU B 2 1  ? 8.209   -10.108 7.011   1.00 0.00 ? 1  GLU H OE2  1 
ATOM 166 H H1   . GLU B 2 1  ? 5.549   -6.154  10.833  1.00 0.00 ? 1  GLU H H1   1 
ATOM 167 H H2   . GLU B 2 1  ? 5.464   -5.285  9.379   1.00 0.00 ? 1  GLU H H2   1 
ATOM 168 H H3   . GLU B 2 1  ? 4.675   -6.784  9.519   1.00 0.00 ? 1  GLU H H3   1 
ATOM 169 H HA   . GLU B 2 1  ? 6.758   -7.936  9.689   1.00 0.00 ? 1  GLU H HA   1 
ATOM 170 H HB2  . GLU B 2 1  ? 5.821   -7.396  7.431   1.00 0.00 ? 1  GLU H HB2  1 
ATOM 171 H HB3  . GLU B 2 1  ? 6.820   -5.947  7.408   1.00 0.00 ? 1  GLU H HB3  1 
ATOM 172 H HG2  . GLU B 2 1  ? 8.372   -7.284  6.422   1.00 0.00 ? 1  GLU H HG2  1 
ATOM 173 H HG3  . GLU B 2 1  ? 8.666   -7.871  8.059   1.00 0.00 ? 1  GLU H HG3  1 
ATOM 174 N N    . GLU B 2 2  ? 8.030   -4.896  9.599   1.00 0.00 ? 2  GLU H N    1 
ATOM 175 C CA   . GLU B 2 2  ? 9.212   -4.111  10.056  1.00 0.00 ? 2  GLU H CA   1 
ATOM 176 C C    . GLU B 2 2  ? 8.762   -2.762  10.619  1.00 0.00 ? 2  GLU H C    1 
ATOM 177 O O    . GLU B 2 2  ? 7.619   -2.573  10.985  1.00 0.00 ? 2  GLU H O    1 
ATOM 178 C CB   . GLU B 2 2  ? 10.166  -3.891  8.874   1.00 0.00 ? 2  GLU H CB   1 
ATOM 179 C CG   . GLU B 2 2  ? 9.662   -2.741  7.997   1.00 0.00 ? 2  GLU H CG   1 
ATOM 180 C CD   . GLU B 2 2  ? 10.202  -2.908  6.575   1.00 0.00 ? 2  GLU H CD   1 
ATOM 181 O OE1  . GLU B 2 2  ? 10.944  -3.852  6.352   1.00 0.00 ? 2  GLU H OE1  1 
ATOM 182 O OE2  . GLU B 2 2  ? 9.866   -2.092  5.734   1.00 0.00 ? 2  GLU H OE2  1 
ATOM 183 H H    . GLU B 2 2  ? 7.290   -4.449  9.138   1.00 0.00 ? 2  GLU H H    1 
ATOM 184 H HA   . GLU B 2 2  ? 9.728   -4.658  10.828  1.00 0.00 ? 2  GLU H HA   1 
ATOM 185 H HB2  . GLU B 2 2  ? 11.150  -3.650  9.249   1.00 0.00 ? 2  GLU H HB2  1 
ATOM 186 H HB3  . GLU B 2 2  ? 10.218  -4.794  8.284   1.00 0.00 ? 2  GLU H HB3  1 
ATOM 187 H HG2  . GLU B 2 2  ? 8.581   -2.749  7.976   1.00 0.00 ? 2  GLU H HG2  1 
ATOM 188 H HG3  . GLU B 2 2  ? 10.006  -1.800  8.401   1.00 0.00 ? 2  GLU H HG3  1 
ATOM 189 N N    . TYR B 2 3  ? 9.673   -1.833  10.692  1.00 0.00 ? 3  TYR H N    1 
ATOM 190 C CA   . TYR B 2 3  ? 9.353   -0.478  11.232  1.00 0.00 ? 3  TYR H CA   1 
ATOM 191 C C    . TYR B 2 3  ? 7.938   -0.053  10.806  1.00 0.00 ? 3  TYR H C    1 
ATOM 192 O O    . TYR B 2 3  ? 7.008   -0.097  11.587  1.00 0.00 ? 3  TYR H O    1 
ATOM 193 C CB   . TYR B 2 3  ? 10.396  0.518   10.703  1.00 0.00 ? 3  TYR H CB   1 
ATOM 194 C CG   . TYR B 2 3  ? 9.820   1.916   10.634  1.00 0.00 ? 3  TYR H CG   1 
ATOM 195 C CD1  . TYR B 2 3  ? 9.170   2.463   11.746  1.00 0.00 ? 3  TYR H CD1  1 
ATOM 196 C CD2  . TYR B 2 3  ? 9.938   2.661   9.456   1.00 0.00 ? 3  TYR H CD2  1 
ATOM 197 C CE1  . TYR B 2 3  ? 8.639   3.757   11.679  1.00 0.00 ? 3  TYR H CE1  1 
ATOM 198 C CE2  . TYR B 2 3  ? 9.408   3.954   9.388   1.00 0.00 ? 3  TYR H CE2  1 
ATOM 199 C CZ   . TYR B 2 3  ? 8.758   4.503   10.500  1.00 0.00 ? 3  TYR H CZ   1 
ATOM 200 O OH   . TYR B 2 3  ? 8.235   5.779   10.434  1.00 0.00 ? 3  TYR H OH   1 
ATOM 201 H H    . TYR B 2 3  ? 10.585  -2.033  10.395  1.00 0.00 ? 3  TYR H H    1 
ATOM 202 H HA   . TYR B 2 3  ? 9.406   -0.504  12.307  1.00 0.00 ? 3  TYR H HA   1 
ATOM 203 H HB2  . TYR B 2 3  ? 11.252  0.519   11.361  1.00 0.00 ? 3  TYR H HB2  1 
ATOM 204 H HB3  . TYR B 2 3  ? 10.706  0.211   9.719   1.00 0.00 ? 3  TYR H HB3  1 
ATOM 205 H HD1  . TYR B 2 3  ? 9.078   1.888   12.655  1.00 0.00 ? 3  TYR H HD1  1 
ATOM 206 H HD2  . TYR B 2 3  ? 10.440  2.239   8.597   1.00 0.00 ? 3  TYR H HD2  1 
ATOM 207 H HE1  . TYR B 2 3  ? 8.137   4.178   12.537  1.00 0.00 ? 3  TYR H HE1  1 
ATOM 208 H HE2  . TYR B 2 3  ? 9.499   4.528   8.478   1.00 0.00 ? 3  TYR H HE2  1 
ATOM 209 H HH   . TYR B 2 3  ? 8.646   6.304   11.124  1.00 0.00 ? 3  TYR H HH   1 
ATOM 210 N N    . LYS B 2 4  ? 7.771   0.363   9.580   1.00 0.00 ? 4  LYS H N    1 
ATOM 211 C CA   . LYS B 2 4  ? 6.423   0.795   9.119   1.00 0.00 ? 4  LYS H CA   1 
ATOM 212 C C    . LYS B 2 4  ? 6.262   0.455   7.638   1.00 0.00 ? 4  LYS H C    1 
ATOM 213 O O    . LYS B 2 4  ? 6.592   1.236   6.768   1.00 0.00 ? 4  LYS H O    1 
ATOM 214 C CB   . LYS B 2 4  ? 6.271   2.306   9.320   1.00 0.00 ? 4  LYS H CB   1 
ATOM 215 C CG   . LYS B 2 4  ? 5.321   2.571   10.490  1.00 0.00 ? 4  LYS H CG   1 
ATOM 216 C CD   . LYS B 2 4  ? 4.795   4.007   10.413  1.00 0.00 ? 4  LYS H CD   1 
ATOM 217 C CE   . LYS B 2 4  ? 3.348   3.996   9.915   1.00 0.00 ? 4  LYS H CE   1 
ATOM 218 N NZ   . LYS B 2 4  ? 2.927   5.385   9.578   1.00 0.00 ? 4  LYS H NZ   1 
ATOM 219 H H    . LYS B 2 4  ? 8.531   0.395   8.965   1.00 0.00 ? 4  LYS H H    1 
ATOM 220 H HA   . LYS B 2 4  ? 5.665   0.279   9.691   1.00 0.00 ? 4  LYS H HA   1 
ATOM 221 H HB2  . LYS B 2 4  ? 7.237   2.740   9.533   1.00 0.00 ? 4  LYS H HB2  1 
ATOM 222 H HB3  . LYS B 2 4  ? 5.866   2.750   8.423   1.00 0.00 ? 4  LYS H HB3  1 
ATOM 223 H HG2  . LYS B 2 4  ? 4.492   1.881   10.444  1.00 0.00 ? 4  LYS H HG2  1 
ATOM 224 H HG3  . LYS B 2 4  ? 5.851   2.435   11.422  1.00 0.00 ? 4  LYS H HG3  1 
ATOM 225 H HD2  . LYS B 2 4  ? 4.835   4.458   11.394  1.00 0.00 ? 4  LYS H HD2  1 
ATOM 226 H HD3  . LYS B 2 4  ? 5.404   4.578   9.728   1.00 0.00 ? 4  LYS H HD3  1 
ATOM 227 H HE2  . LYS B 2 4  ? 3.275   3.373   9.036   1.00 0.00 ? 4  LYS H HE2  1 
ATOM 228 H HE3  . LYS B 2 4  ? 2.705   3.602   10.689  1.00 0.00 ? 4  LYS H HE3  1 
ATOM 229 H HZ1  . LYS B 2 4  ? 3.683   5.855   9.038   1.00 0.00 ? 4  LYS H HZ1  1 
ATOM 230 H HZ2  . LYS B 2 4  ? 2.061   5.355   9.005   1.00 0.00 ? 4  LYS H HZ2  1 
ATOM 231 H HZ3  . LYS B 2 4  ? 2.744   5.914   10.453  1.00 0.00 ? 4  LYS H HZ3  1 
ATOM 232 N N    . CYS B 2 5  ? 5.766   -0.716  7.354   1.00 0.00 ? 5  CYS H N    1 
ATOM 233 C CA   . CYS B 2 5  ? 5.578   -1.141  5.935   1.00 0.00 ? 5  CYS H CA   1 
ATOM 234 C C    . CYS B 2 5  ? 5.077   0.031   5.092   1.00 0.00 ? 5  CYS H C    1 
ATOM 235 O O    . CYS B 2 5  ? 4.589   1.019   5.604   1.00 0.00 ? 5  CYS H O    1 
ATOM 236 C CB   . CYS B 2 5  ? 4.563   -2.284  5.885   1.00 0.00 ? 5  CYS H CB   1 
ATOM 237 S SG   . CYS B 2 5  ? 5.228   -3.703  6.786   1.00 0.00 ? 5  CYS H SG   1 
ATOM 238 H H    . CYS B 2 5  ? 5.520   -1.324  8.080   1.00 0.00 ? 5  CYS H H    1 
ATOM 239 H HA   . CYS B 2 5  ? 6.520   -1.485  5.538   1.00 0.00 ? 5  CYS H HA   1 
ATOM 240 H HB2  . CYS B 2 5  ? 3.638   -1.966  6.342   1.00 0.00 ? 5  CYS H HB2  1 
ATOM 241 H HB3  . CYS B 2 5  ? 4.382   -2.561  4.857   1.00 0.00 ? 5  CYS H HB3  1 
ATOM 242 N N    . TYR B 2 6  ? 5.202   -0.072  3.797   1.00 0.00 ? 6  TYR H N    1 
ATOM 243 C CA   . TYR B 2 6  ? 4.744   1.037   2.909   1.00 0.00 ? 6  TYR H CA   1 
ATOM 244 C C    . TYR B 2 6  ? 3.702   0.504   1.922   1.00 0.00 ? 6  TYR H C    1 
ATOM 245 O O    . TYR B 2 6  ? 3.984   -0.354  1.111   1.00 0.00 ? 6  TYR H O    1 
ATOM 246 C CB   . TYR B 2 6  ? 5.934   1.614   2.123   1.00 0.00 ? 6  TYR H CB   1 
ATOM 247 C CG   . TYR B 2 6  ? 7.240   1.070   2.663   1.00 0.00 ? 6  TYR H CG   1 
ATOM 248 C CD1  . TYR B 2 6  ? 7.634   1.370   3.973   1.00 0.00 ? 6  TYR H CD1  1 
ATOM 249 C CD2  . TYR B 2 6  ? 8.050   0.265   1.854   1.00 0.00 ? 6  TYR H CD2  1 
ATOM 250 C CE1  . TYR B 2 6  ? 8.842   0.865   4.472   1.00 0.00 ? 6  TYR H CE1  1 
ATOM 251 C CE2  . TYR B 2 6  ? 9.257   -0.240  2.353   1.00 0.00 ? 6  TYR H CE2  1 
ATOM 252 C CZ   . TYR B 2 6  ? 9.652   0.060   3.662   1.00 0.00 ? 6  TYR H CZ   1 
ATOM 253 O OH   . TYR B 2 6  ? 10.842  -0.438  4.154   1.00 0.00 ? 6  TYR H OH   1 
ATOM 254 H H    . TYR B 2 6  ? 5.604   -0.879  3.407   1.00 0.00 ? 6  TYR H H    1 
ATOM 255 H HA   . TYR B 2 6  ? 4.300   1.816   3.512   1.00 0.00 ? 6  TYR H HA   1 
ATOM 256 H HB2  . TYR B 2 6  ? 5.839   1.343   1.082   1.00 0.00 ? 6  TYR H HB2  1 
ATOM 257 H HB3  . TYR B 2 6  ? 5.932   2.690   2.213   1.00 0.00 ? 6  TYR H HB3  1 
ATOM 258 H HD1  . TYR B 2 6  ? 7.010   1.990   4.597   1.00 0.00 ? 6  TYR H HD1  1 
ATOM 259 H HD2  . TYR B 2 6  ? 7.745   0.033   0.845   1.00 0.00 ? 6  TYR H HD2  1 
ATOM 260 H HE1  . TYR B 2 6  ? 9.148   1.095   5.483   1.00 0.00 ? 6  TYR H HE1  1 
ATOM 261 H HE2  . TYR B 2 6  ? 9.883   -0.861  1.729   1.00 0.00 ? 6  TYR H HE2  1 
ATOM 262 H HH   . TYR B 2 6  ? 10.980  -0.066  5.028   1.00 0.00 ? 6  TYR H HH   1 
ATOM 263 N N    . CYS B 2 7  ? 2.498   1.009   1.980   1.00 0.00 ? 7  CYS H N    1 
ATOM 264 C CA   . CYS B 2 7  ? 1.446   0.529   1.040   1.00 0.00 ? 7  CYS H CA   1 
ATOM 265 C C    . CYS B 2 7  ? 1.773   1.005   -0.377  1.00 0.00 ? 7  CYS H C    1 
ATOM 266 O O    . CYS B 2 7  ? 1.869   2.191   -0.636  1.00 0.00 ? 7  CYS H O    1 
ATOM 267 C CB   . CYS B 2 7  ? 0.089   1.085   1.461   1.00 0.00 ? 7  CYS H CB   1 
ATOM 268 S SG   . CYS B 2 7  ? -1.203  0.398   0.392   1.00 0.00 ? 7  CYS H SG   1 
ATOM 269 H H    . CYS B 2 7  ? 2.289   1.703   2.639   1.00 0.00 ? 7  CYS H H    1 
ATOM 270 H HA   . CYS B 2 7  ? 1.410   -0.545  1.058   1.00 0.00 ? 7  CYS H HA   1 
ATOM 271 H HB2  . CYS B 2 7  ? -0.110  0.815   2.486   1.00 0.00 ? 7  CYS H HB2  1 
ATOM 272 H HB3  . CYS B 2 7  ? 0.101   2.156   1.367   1.00 0.00 ? 7  CYS H HB3  1 
ATOM 273 N N    . THR B 2 8  ? 1.946   0.090   -1.294  1.00 0.00 ? 8  THR H N    1 
ATOM 274 C CA   . THR B 2 8  ? 2.269   0.488   -2.693  1.00 0.00 ? 8  THR H CA   1 
ATOM 275 C C    . THR B 2 8  ? 1.417   -0.320  -3.675  1.00 0.00 ? 8  THR H C    1 
ATOM 276 O O    . THR B 2 8  ? 1.773   -0.490  -4.823  1.00 0.00 ? 8  THR H O    1 
ATOM 277 C CB   . THR B 2 8  ? 3.750   0.220   -2.970  1.00 0.00 ? 8  THR H CB   1 
ATOM 278 O OG1  . THR B 2 8  ? 4.005   -1.174  -2.865  1.00 0.00 ? 8  THR H OG1  1 
ATOM 279 C CG2  . THR B 2 8  ? 4.606   0.975   -1.953  1.00 0.00 ? 8  THR H CG2  1 
ATOM 280 H H    . THR B 2 8  ? 1.865   -0.859  -1.062  1.00 0.00 ? 8  THR H H    1 
ATOM 281 H HA   . THR B 2 8  ? 2.064   1.538   -2.823  1.00 0.00 ? 8  THR H HA   1 
ATOM 282 H HB   . THR B 2 8  ? 3.999   0.558   -3.964  1.00 0.00 ? 8  THR H HB   1 
ATOM 283 H HG1  . THR B 2 8  ? 3.346   -1.553  -2.279  1.00 0.00 ? 8  THR H HG1  1 
ATOM 284 H HG21 . THR B 2 8  ? 4.176   0.865   -0.968  1.00 0.00 ? 8  THR H HG21 1 
ATOM 285 H HG22 . THR B 2 8  ? 5.608   0.571   -1.955  1.00 0.00 ? 8  THR H HG22 1 
ATOM 286 H HG23 . THR B 2 8  ? 4.639   2.022   -2.216  1.00 0.00 ? 8  THR H HG23 1 
ATOM 287 N N    . ASP B 2 9  ? 0.292   -0.816  -3.238  1.00 0.00 ? 9  ASP H N    1 
ATOM 288 C CA   . ASP B 2 9  ? -0.575  -1.604  -4.157  1.00 0.00 ? 9  ASP H CA   1 
ATOM 289 C C    . ASP B 2 9  ? -1.135  -0.678  -5.240  1.00 0.00 ? 9  ASP H C    1 
ATOM 290 O O    . ASP B 2 9  ? -1.132  0.528   -5.097  1.00 0.00 ? 9  ASP H O    1 
ATOM 291 C CB   . ASP B 2 9  ? -1.729  -2.225  -3.367  1.00 0.00 ? 9  ASP H CB   1 
ATOM 292 C CG   . ASP B 2 9  ? -2.611  -3.046  -4.311  1.00 0.00 ? 9  ASP H CG   1 
ATOM 293 O OD1  . ASP B 2 9  ? -2.261  -4.185  -4.576  1.00 0.00 ? 9  ASP H OD1  1 
ATOM 294 O OD2  . ASP B 2 9  ? -3.619  -2.522  -4.753  1.00 0.00 ? 9  ASP H OD2  1 
ATOM 295 H H    . ASP B 2 9  ? 0.017   -0.665  -2.308  1.00 0.00 ? 9  ASP H H    1 
ATOM 296 H HA   . ASP B 2 9  ? 0.008   -2.387  -4.619  1.00 0.00 ? 9  ASP H HA   1 
ATOM 297 H HB2  . ASP B 2 9  ? -1.331  -2.867  -2.595  1.00 0.00 ? 9  ASP H HB2  1 
ATOM 298 H HB3  . ASP B 2 9  ? -2.319  -1.443  -2.917  1.00 0.00 ? 9  ASP H HB3  1 
ATOM 299 N N    . THR B 2 10 ? -1.610  -1.228  -6.325  1.00 0.00 ? 10 THR H N    1 
ATOM 300 C CA   . THR B 2 10 ? -2.161  -0.370  -7.410  1.00 0.00 ? 10 THR H CA   1 
ATOM 301 C C    . THR B 2 10 ? -3.688  -0.446  -7.401  1.00 0.00 ? 10 THR H C    1 
ATOM 302 O O    . THR B 2 10 ? -4.265  -1.414  -6.945  1.00 0.00 ? 10 THR H O    1 
ATOM 303 C CB   . THR B 2 10 ? -1.635  -0.856  -8.763  1.00 0.00 ? 10 THR H CB   1 
ATOM 304 O OG1  . THR B 2 10 ? -1.730  -2.273  -8.823  1.00 0.00 ? 10 THR H OG1  1 
ATOM 305 C CG2  . THR B 2 10 ? -0.176  -0.434  -8.930  1.00 0.00 ? 10 THR H CG2  1 
ATOM 306 H H    . THR B 2 10 ? -1.601  -2.203  -6.425  1.00 0.00 ? 10 THR H H    1 
ATOM 307 H HA   . THR B 2 10 ? -1.854  0.649   -7.247  1.00 0.00 ? 10 THR H HA   1 
ATOM 308 H HB   . THR B 2 10 ? -2.224  -0.422  -9.556  1.00 0.00 ? 10 THR H HB   1 
ATOM 309 H HG1  . THR B 2 10 ? -1.020  -2.640  -8.291  1.00 0.00 ? 10 THR H HG1  1 
ATOM 310 H HG21 . THR B 2 10 ? 0.067   0.320   -8.196  1.00 0.00 ? 10 THR H HG21 1 
ATOM 311 H HG22 . THR B 2 10 ? 0.466   -1.291  -8.791  1.00 0.00 ? 10 THR H HG22 1 
ATOM 312 H HG23 . THR B 2 10 ? -0.028  -0.032  -9.922  1.00 0.00 ? 10 THR H HG23 1 
ATOM 313 N N    . TYR B 2 11 ? -4.356  0.568   -7.890  1.00 0.00 ? 11 TYR H N    1 
ATOM 314 C CA   . TYR B 2 11 ? -5.855  0.523   -7.884  1.00 0.00 ? 11 TYR H CA   1 
ATOM 315 C C    . TYR B 2 11 ? -6.428  1.328   -9.050  1.00 0.00 ? 11 TYR H C    1 
ATOM 316 O O    . TYR B 2 11 ? -5.720  1.768   -9.932  1.00 0.00 ? 11 TYR H O    1 
ATOM 317 C CB   . TYR B 2 11 ? -6.386  1.103   -6.567  1.00 0.00 ? 11 TYR H CB   1 
ATOM 318 C CG   . TYR B 2 11 ? -5.340  0.969   -5.484  1.00 0.00 ? 11 TYR H CG   1 
ATOM 319 C CD1  . TYR B 2 11 ? -4.292  1.894   -5.409  1.00 0.00 ? 11 TYR H CD1  1 
ATOM 320 C CD2  . TYR B 2 11 ? -5.416  -0.078  -4.558  1.00 0.00 ? 11 TYR H CD2  1 
ATOM 321 C CE1  . TYR B 2 11 ? -3.322  1.774   -4.409  1.00 0.00 ? 11 TYR H CE1  1 
ATOM 322 C CE2  . TYR B 2 11 ? -4.445  -0.199  -3.557  1.00 0.00 ? 11 TYR H CE2  1 
ATOM 323 C CZ   . TYR B 2 11 ? -3.397  0.726   -3.483  1.00 0.00 ? 11 TYR H CZ   1 
ATOM 324 O OH   . TYR B 2 11 ? -2.441  0.607   -2.495  1.00 0.00 ? 11 TYR H OH   1 
ATOM 325 H H    . TYR B 2 11 ? -3.874  1.356   -8.250  1.00 0.00 ? 11 TYR H H    1 
ATOM 326 H HA   . TYR B 2 11 ? -6.181  -0.498  -7.972  1.00 0.00 ? 11 TYR H HA   1 
ATOM 327 H HB2  . TYR B 2 11 ? -6.625  2.147   -6.706  1.00 0.00 ? 11 TYR H HB2  1 
ATOM 328 H HB3  . TYR B 2 11 ? -7.275  0.566   -6.272  1.00 0.00 ? 11 TYR H HB3  1 
ATOM 329 H HD1  . TYR B 2 11 ? -4.235  2.701   -6.122  1.00 0.00 ? 11 TYR H HD1  1 
ATOM 330 H HD2  . TYR B 2 11 ? -6.224  -0.792  -4.616  1.00 0.00 ? 11 TYR H HD2  1 
ATOM 331 H HE1  . TYR B 2 11 ? -2.514  2.488   -4.352  1.00 0.00 ? 11 TYR H HE1  1 
ATOM 332 H HE2  . TYR B 2 11 ? -4.503  -1.007  -2.843  1.00 0.00 ? 11 TYR H HE2  1 
ATOM 333 H HH   . TYR B 2 11 ? -1.577  0.650   -2.911  1.00 0.00 ? 11 TYR H HH   1 
ATOM 334 N N    . SER B 2 12 ? -7.715  1.535   -9.050  1.00 0.00 ? 12 SER H N    1 
ATOM 335 C CA   . SER B 2 12 ? -8.344  2.330   -10.137 1.00 0.00 ? 12 SER H CA   1 
ATOM 336 C C    . SER B 2 12 ? -8.626  3.736   -9.607  1.00 0.00 ? 12 SER H C    1 
ATOM 337 O O    . SER B 2 12 ? -9.197  4.566   -10.285 1.00 0.00 ? 12 SER H O    1 
ATOM 338 C CB   . SER B 2 12 ? -9.656  1.672   -10.568 1.00 0.00 ? 12 SER H CB   1 
ATOM 339 O OG   . SER B 2 12 ? -9.566  0.266   -10.369 1.00 0.00 ? 12 SER H OG   1 
ATOM 340 H H    . SER B 2 12 ? -8.266  1.178   -8.323  1.00 0.00 ? 12 SER H H    1 
ATOM 341 H HA   . SER B 2 12 ? -7.671  2.387   -10.980 1.00 0.00 ? 12 SER H HA   1 
ATOM 342 H HB2  . SER B 2 12 ? -10.468 2.062   -9.977  1.00 0.00 ? 12 SER H HB2  1 
ATOM 343 H HB3  . SER B 2 12 ? -9.839  1.887   -11.612 1.00 0.00 ? 12 SER H HB3  1 
ATOM 344 H HG   . SER B 2 12 ? -10.419 -0.119  -10.585 1.00 0.00 ? 12 SER H HG   1 
ATOM 345 N N    . ASP B 2 13 ? -8.227  4.006   -8.390  1.00 0.00 ? 13 ASP H N    1 
ATOM 346 C CA   . ASP B 2 13 ? -8.468  5.356   -7.804  1.00 0.00 ? 13 ASP H CA   1 
ATOM 347 C C    . ASP B 2 13 ? -7.939  5.388   -6.368  1.00 0.00 ? 13 ASP H C    1 
ATOM 348 O O    . ASP B 2 13 ? -7.857  4.373   -5.706  1.00 0.00 ? 13 ASP H O    1 
ATOM 349 C CB   . ASP B 2 13 ? -9.970  5.651   -7.804  1.00 0.00 ? 13 ASP H CB   1 
ATOM 350 C CG   . ASP B 2 13 ? -10.215 7.053   -7.243  1.00 0.00 ? 13 ASP H CG   1 
ATOM 351 O OD1  . ASP B 2 13 ? -10.269 7.183   -6.031  1.00 0.00 ? 13 ASP H OD1  1 
ATOM 352 O OD2  . ASP B 2 13 ? -10.344 7.973   -8.034  1.00 0.00 ? 13 ASP H OD2  1 
ATOM 353 H H    . ASP B 2 13 ? -7.767  3.317   -7.860  1.00 0.00 ? 13 ASP H H    1 
ATOM 354 H HA   . ASP B 2 13 ? -7.955  6.102   -8.393  1.00 0.00 ? 13 ASP H HA   1 
ATOM 355 H HB2  . ASP B 2 13 ? -10.348 5.596   -8.816  1.00 0.00 ? 13 ASP H HB2  1 
ATOM 356 H HB3  . ASP B 2 13 ? -10.480 4.925   -7.189  1.00 0.00 ? 13 ASP H HB3  1 
ATOM 357 N N    . CYS B 2 14 ? -7.576  6.545   -5.878  1.00 0.00 ? 14 CYS H N    1 
ATOM 358 C CA   . CYS B 2 14 ? -7.053  6.626   -4.486  1.00 0.00 ? 14 CYS H CA   1 
ATOM 359 C C    . CYS B 2 14 ? -7.975  5.821   -3.561  1.00 0.00 ? 14 CYS H C    1 
ATOM 360 O O    . CYS B 2 14 ? -9.137  6.147   -3.416  1.00 0.00 ? 14 CYS H O    1 
ATOM 361 C CB   . CYS B 2 14 ? -7.019  8.088   -4.034  1.00 0.00 ? 14 CYS H CB   1 
ATOM 362 S SG   . CYS B 2 14 ? -5.331  8.724   -4.185  1.00 0.00 ? 14 CYS H SG   1 
ATOM 363 H H    . CYS B 2 14 ? -7.648  7.356   -6.423  1.00 0.00 ? 14 CYS H H    1 
ATOM 364 H HA   . CYS B 2 14 ? -6.056  6.220   -4.456  1.00 0.00 ? 14 CYS H HA   1 
ATOM 365 H HB2  . CYS B 2 14 ? -7.681  8.673   -4.656  1.00 0.00 ? 14 CYS H HB2  1 
ATOM 366 H HB3  . CYS B 2 14 ? -7.337  8.154   -3.005  1.00 0.00 ? 14 CYS H HB3  1 
ATOM 367 N N    . PRO B 2 15 ? -7.435  4.783   -2.972  1.00 0.00 ? 15 PRO H N    1 
ATOM 368 C CA   . PRO B 2 15 ? -8.195  3.904   -2.069  1.00 0.00 ? 15 PRO H CA   1 
ATOM 369 C C    . PRO B 2 15 ? -8.405  4.557   -0.703  1.00 0.00 ? 15 PRO H C    1 
ATOM 370 O O    . PRO B 2 15 ? -7.659  5.422   -0.289  1.00 0.00 ? 15 PRO H O    1 
ATOM 371 C CB   . PRO B 2 15 ? -7.324  2.650   -1.969  1.00 0.00 ? 15 PRO H CB   1 
ATOM 372 C CG   . PRO B 2 15 ? -5.891  3.083   -2.341  1.00 0.00 ? 15 PRO H CG   1 
ATOM 373 C CD   . PRO B 2 15 ? -6.023  4.388   -3.147  1.00 0.00 ? 15 PRO H CD   1 
ATOM 374 H HA   . PRO B 2 15 ? -9.138  3.650   -2.500  1.00 0.00 ? 15 PRO H HA   1 
ATOM 375 H HB2  . PRO B 2 15 ? -7.349  2.262   -0.962  1.00 0.00 ? 15 PRO H HB2  1 
ATOM 376 H HB3  . PRO B 2 15 ? -7.669  1.903   -2.668  1.00 0.00 ? 15 PRO H HB3  1 
ATOM 377 H HG2  . PRO B 2 15 ? -5.317  3.250   -1.443  1.00 0.00 ? 15 PRO H HG2  1 
ATOM 378 H HG3  . PRO B 2 15 ? -5.421  2.325   -2.948  1.00 0.00 ? 15 PRO H HG3  1 
ATOM 379 H HD2  . PRO B 2 15 ? -5.365  5.148   -2.749  1.00 0.00 ? 15 PRO H HD2  1 
ATOM 380 H HD3  . PRO B 2 15 ? -5.814  4.212   -4.191  1.00 0.00 ? 15 PRO H HD3  1 
ATOM 381 N N    . GLY B 2 16 ? -9.429  4.146   -0.006  1.00 0.00 ? 16 GLY H N    1 
ATOM 382 C CA   . GLY B 2 16 ? -9.710  4.731   1.332   1.00 0.00 ? 16 GLY H CA   1 
ATOM 383 C C    . GLY B 2 16 ? -8.491  4.543   2.229   1.00 0.00 ? 16 GLY H C    1 
ATOM 384 O O    . GLY B 2 16 ? -8.248  5.317   3.133   1.00 0.00 ? 16 GLY H O    1 
ATOM 385 H H    . GLY B 2 16 ? -10.018 3.452   -0.368  1.00 0.00 ? 16 GLY H H    1 
ATOM 386 H HA2  . GLY B 2 16 ? -9.924  5.786   1.226   1.00 0.00 ? 16 GLY H HA2  1 
ATOM 387 H HA3  . GLY B 2 16 ? -10.559 4.233   1.773   1.00 0.00 ? 16 GLY H HA3  1 
ATOM 388 N N    . PHE B 2 17 ? -7.715  3.522   1.986   1.00 0.00 ? 17 PHE H N    1 
ATOM 389 C CA   . PHE B 2 17 ? -6.511  3.300   2.830   1.00 0.00 ? 17 PHE H CA   1 
ATOM 390 C C    . PHE B 2 17 ? -5.346  4.115   2.269   1.00 0.00 ? 17 PHE H C    1 
ATOM 391 O O    . PHE B 2 17 ? -4.418  4.448   2.979   1.00 0.00 ? 17 PHE H O    1 
ATOM 392 C CB   . PHE B 2 17 ? -6.148  1.812   2.854   1.00 0.00 ? 17 PHE H CB   1 
ATOM 393 C CG   . PHE B 2 17 ? -6.228  1.235   1.463   1.00 0.00 ? 17 PHE H CG   1 
ATOM 394 C CD1  . PHE B 2 17 ? -5.168  1.416   0.569   1.00 0.00 ? 17 PHE H CD1  1 
ATOM 395 C CD2  . PHE B 2 17 ? -7.359  0.507   1.072   1.00 0.00 ? 17 PHE H CD2  1 
ATOM 396 C CE1  . PHE B 2 17 ? -5.239  0.873   -0.719  1.00 0.00 ? 17 PHE H CE1  1 
ATOM 397 C CE2  . PHE B 2 17 ? -7.429  -0.038  -0.215  1.00 0.00 ? 17 PHE H CE2  1 
ATOM 398 C CZ   . PHE B 2 17 ? -6.368  0.145   -1.110  1.00 0.00 ? 17 PHE H CZ   1 
ATOM 399 H H    . PHE B 2 17 ? -7.923  2.908   1.251   1.00 0.00 ? 17 PHE H H    1 
ATOM 400 H HA   . PHE B 2 17 ? -6.721  3.631   3.837   1.00 0.00 ? 17 PHE H HA   1 
ATOM 401 H HB2  . PHE B 2 17 ? -5.143  1.696   3.232   1.00 0.00 ? 17 PHE H HB2  1 
ATOM 402 H HB3  . PHE B 2 17 ? -6.835  1.286   3.499   1.00 0.00 ? 17 PHE H HB3  1 
ATOM 403 H HD1  . PHE B 2 17 ? -4.297  1.978   0.871   1.00 0.00 ? 17 PHE H HD1  1 
ATOM 404 H HD2  . PHE B 2 17 ? -8.177  0.367   1.764   1.00 0.00 ? 17 PHE H HD2  1 
ATOM 405 H HE1  . PHE B 2 17 ? -4.421  1.014   -1.409  1.00 0.00 ? 17 PHE H HE1  1 
ATOM 406 H HE2  . PHE B 2 17 ? -8.300  -0.600  -0.517  1.00 0.00 ? 17 PHE H HE2  1 
ATOM 407 H HZ   . PHE B 2 17 ? -6.422  -0.276  -2.103  1.00 0.00 ? 17 PHE H HZ   1 
ATOM 408 N N    . CYS B 2 18 ? -5.384  4.458   1.006   1.00 0.00 ? 18 CYS H N    1 
ATOM 409 C CA   . CYS B 2 18 ? -4.266  5.270   0.438   1.00 0.00 ? 18 CYS H CA   1 
ATOM 410 C C    . CYS B 2 18 ? -4.829  6.560   -0.158  1.00 0.00 ? 18 CYS H C    1 
ATOM 411 O O    . CYS B 2 18 ? -4.905  6.720   -1.360  1.00 0.00 ? 18 CYS H O    1 
ATOM 412 C CB   . CYS B 2 18 ? -3.537  4.477   -0.646  1.00 0.00 ? 18 CYS H CB   1 
ATOM 413 S SG   . CYS B 2 18 ? -1.840  5.087   -0.806  1.00 0.00 ? 18 CYS H SG   1 
ATOM 414 H H    . CYS B 2 18 ? -6.149  4.193   0.436   1.00 0.00 ? 18 CYS H H    1 
ATOM 415 H HA   . CYS B 2 18 ? -3.572  5.516   1.223   1.00 0.00 ? 18 CYS H HA   1 
ATOM 416 H HB2  . CYS B 2 18 ? -3.521  3.431   -0.379  1.00 0.00 ? 18 CYS H HB2  1 
ATOM 417 H HB3  . CYS B 2 18 ? -4.051  4.602   -1.581  1.00 0.00 ? 18 CYS H HB3  1 
ATOM 418 N N    . LYS B 2 19 ? -5.223  7.485   0.676   1.00 0.00 ? 19 LYS H N    1 
ATOM 419 C CA   . LYS B 2 19 ? -5.780  8.766   0.162   1.00 0.00 ? 19 LYS H CA   1 
ATOM 420 C C    . LYS B 2 19 ? -4.779  9.396   -0.806  1.00 0.00 ? 19 LYS H C    1 
ATOM 421 O O    . LYS B 2 19 ? -5.132  10.202  -1.645  1.00 0.00 ? 19 LYS H O    1 
ATOM 422 C CB   . LYS B 2 19 ? -6.028  9.717   1.335   1.00 0.00 ? 19 LYS H CB   1 
ATOM 423 C CG   . LYS B 2 19 ? -4.867  9.628   2.327   1.00 0.00 ? 19 LYS H CG   1 
ATOM 424 C CD   . LYS B 2 19 ? -5.400  9.226   3.705   1.00 0.00 ? 19 LYS H CD   1 
ATOM 425 C CE   . LYS B 2 19 ? -5.576  10.473  4.573   1.00 0.00 ? 19 LYS H CE   1 
ATOM 426 N NZ   . LYS B 2 19 ? -4.243  11.083  4.847   1.00 0.00 ? 19 LYS H NZ   1 
ATOM 427 H H    . LYS B 2 19 ? -5.152  7.338   1.641   1.00 0.00 ? 19 LYS H H    1 
ATOM 428 H HA   . LYS B 2 19 ? -6.710  8.575   -0.351  1.00 0.00 ? 19 LYS H HA   1 
ATOM 429 H HB2  . LYS B 2 19 ? -6.106  10.725  0.965   1.00 0.00 ? 19 LYS H HB2  1 
ATOM 430 H HB3  . LYS B 2 19 ? -6.946  9.444   1.833   1.00 0.00 ? 19 LYS H HB3  1 
ATOM 431 H HG2  . LYS B 2 19 ? -4.157  8.889   1.986   1.00 0.00 ? 19 LYS H HG2  1 
ATOM 432 H HG3  . LYS B 2 19 ? -4.380  10.589  2.399   1.00 0.00 ? 19 LYS H HG3  1 
ATOM 433 H HD2  . LYS B 2 19 ? -6.353  8.729   3.591   1.00 0.00 ? 19 LYS H HD2  1 
ATOM 434 H HD3  . LYS B 2 19 ? -4.699  8.555   4.180   1.00 0.00 ? 19 LYS H HD3  1 
ATOM 435 H HE2  . LYS B 2 19 ? -6.199  11.188  4.056   1.00 0.00 ? 19 LYS H HE2  1 
ATOM 436 H HE3  . LYS B 2 19 ? -6.043  10.198  5.507   1.00 0.00 ? 19 LYS H HE3  1 
ATOM 437 H HZ1  . LYS B 2 19 ? -3.498  10.489  4.431   1.00 0.00 ? 19 LYS H HZ1  1 
ATOM 438 H HZ2  . LYS B 2 19 ? -4.205  12.034  4.427   1.00 0.00 ? 19 LYS H HZ2  1 
ATOM 439 H HZ3  . LYS B 2 19 ? -4.096  11.150  5.874   1.00 0.00 ? 19 LYS H HZ3  1 
ATOM 440 N N    . THR B 2 20 ? -3.535  9.026   -0.702  1.00 0.00 ? 20 THR H N    1 
ATOM 441 C CA   . THR B 2 20 ? -2.505  9.587   -1.618  1.00 0.00 ? 20 THR H CA   1 
ATOM 442 C C    . THR B 2 20 ? -2.127  8.520   -2.643  1.00 0.00 ? 20 THR H C    1 
ATOM 443 O O    . THR B 2 20 ? -1.680  7.445   -2.296  1.00 0.00 ? 20 THR H O    1 
ATOM 444 C CB   . THR B 2 20 ? -1.265  9.989   -0.813  1.00 0.00 ? 20 THR H CB   1 
ATOM 445 O OG1  . THR B 2 20 ? -1.606  11.032  0.090   1.00 0.00 ? 20 THR H OG1  1 
ATOM 446 C CG2  . THR B 2 20 ? -0.168  10.472  -1.764  1.00 0.00 ? 20 THR H CG2  1 
ATOM 447 H H    . THR B 2 20 ? -3.279  8.368   -0.024  1.00 0.00 ? 20 THR H H    1 
ATOM 448 H HA   . THR B 2 20 ? -2.904  10.453  -2.126  1.00 0.00 ? 20 THR H HA   1 
ATOM 449 H HB   . THR B 2 20 ? -0.904  9.137   -0.258  1.00 0.00 ? 20 THR H HB   1 
ATOM 450 H HG1  . THR B 2 20 ? -2.384  11.479  -0.252  1.00 0.00 ? 20 THR H HG1  1 
ATOM 451 H HG21 . THR B 2 20 ? -0.054  9.765   -2.571  1.00 0.00 ? 20 THR H HG21 1 
ATOM 452 H HG22 . THR B 2 20 ? -0.439  11.437  -2.165  1.00 0.00 ? 20 THR H HG22 1 
ATOM 453 H HG23 . THR B 2 20 ? 0.764   10.555  -1.225  1.00 0.00 ? 20 THR H HG23 1 
ATOM 454 N N    . CYS B 2 21 ? -2.314  8.796   -3.903  1.00 0.00 ? 21 CYS H N    1 
ATOM 455 C CA   . CYS B 2 21 ? -1.976  7.780   -4.935  1.00 0.00 ? 21 CYS H CA   1 
ATOM 456 C C    . CYS B 2 21 ? -1.692  8.463   -6.272  1.00 0.00 ? 21 CYS H C    1 
ATOM 457 O O    . CYS B 2 21 ? -1.646  9.675   -6.369  1.00 0.00 ? 21 CYS H O    1 
ATOM 458 C CB   . CYS B 2 21 ? -3.159  6.826   -5.105  1.00 0.00 ? 21 CYS H CB   1 
ATOM 459 S SG   . CYS B 2 21 ? -4.570  7.739   -5.777  1.00 0.00 ? 21 CYS H SG   1 
ATOM 460 H H    . CYS B 2 21 ? -2.686  9.663   -4.167  1.00 0.00 ? 21 CYS H H    1 
ATOM 461 H HA   . CYS B 2 21 ? -1.106  7.221   -4.623  1.00 0.00 ? 21 CYS H HA   1 
ATOM 462 H HB2  . CYS B 2 21 ? -2.887  6.031   -5.784  1.00 0.00 ? 21 CYS H HB2  1 
ATOM 463 H HB3  . CYS B 2 21 ? -3.424  6.407   -4.146  1.00 0.00 ? 21 CYS H HB3  1 
ATOM 464 N N    . LYS B 2 22 ? -1.507  7.688   -7.304  1.00 0.00 ? 22 LYS H N    1 
ATOM 465 C CA   . LYS B 2 22 ? -1.231  8.270   -8.645  1.00 0.00 ? 22 LYS H CA   1 
ATOM 466 C C    . LYS B 2 22 ? -1.726  7.299   -9.718  1.00 0.00 ? 22 LYS H C    1 
ATOM 467 O O    . LYS B 2 22 ? -1.533  6.104   -9.619  1.00 0.00 ? 22 LYS H O    1 
ATOM 468 C CB   . LYS B 2 22 ? 0.275   8.486   -8.805  1.00 0.00 ? 22 LYS H CB   1 
ATOM 469 C CG   . LYS B 2 22 ? 0.576   9.986   -8.831  1.00 0.00 ? 22 LYS H CG   1 
ATOM 470 C CD   . LYS B 2 22 ? 2.086   10.200  -8.941  1.00 0.00 ? 22 LYS H CD   1 
ATOM 471 C CE   . LYS B 2 22 ? 2.405   11.685  -8.766  1.00 0.00 ? 22 LYS H CE   1 
ATOM 472 N NZ   . LYS B 2 22 ? 3.807   11.948  -9.195  1.00 0.00 ? 22 LYS H NZ   1 
ATOM 473 H H    . LYS B 2 22 ? -1.554  6.716   -7.195  1.00 0.00 ? 22 LYS H H    1 
ATOM 474 H HA   . LYS B 2 22 ? -1.746  9.215   -8.745  1.00 0.00 ? 22 LYS H HA   1 
ATOM 475 H HB2  . LYS B 2 22 ? 0.792   8.027   -7.975  1.00 0.00 ? 22 LYS H HB2  1 
ATOM 476 H HB3  . LYS B 2 22 ? 0.607   8.037   -9.729  1.00 0.00 ? 22 LYS H HB3  1 
ATOM 477 H HG2  . LYS B 2 22 ? 0.085   10.435  -9.682  1.00 0.00 ? 22 LYS H HG2  1 
ATOM 478 H HG3  . LYS B 2 22 ? 0.215   10.442  -7.923  1.00 0.00 ? 22 LYS H HG3  1 
ATOM 479 H HD2  . LYS B 2 22 ? 2.588   9.629   -8.171  1.00 0.00 ? 22 LYS H HD2  1 
ATOM 480 H HD3  . LYS B 2 22 ? 2.427   9.872   -9.911  1.00 0.00 ? 22 LYS H HD3  1 
ATOM 481 H HE2  . LYS B 2 22 ? 1.728   12.272  -9.370  1.00 0.00 ? 22 LYS H HE2  1 
ATOM 482 H HE3  . LYS B 2 22 ? 2.288   11.959  -7.727  1.00 0.00 ? 22 LYS H HE3  1 
ATOM 483 H HZ1  . LYS B 2 22 ? 4.279   11.047  -9.408  1.00 0.00 ? 22 LYS H HZ1  1 
ATOM 484 H HZ2  . LYS B 2 22 ? 3.803   12.543  -10.048 1.00 0.00 ? 22 LYS H HZ2  1 
ATOM 485 H HZ3  . LYS B 2 22 ? 4.318   12.436  -8.432  1.00 0.00 ? 22 LYS H HZ3  1 
ATOM 486 N N    . ALA B 2 23 ? -2.368  7.795   -10.739 1.00 0.00 ? 23 ALA H N    1 
ATOM 487 C CA   . ALA B 2 23 ? -2.873  6.887   -11.804 1.00 0.00 ? 23 ALA H CA   1 
ATOM 488 C C    . ALA B 2 23 ? -1.846  6.800   -12.933 1.00 0.00 ? 23 ALA H C    1 
ATOM 489 O O    . ALA B 2 23 ? -1.681  7.722   -13.706 1.00 0.00 ? 23 ALA H O    1 
ATOM 490 C CB   . ALA B 2 23 ? -4.193  7.424   -12.358 1.00 0.00 ? 23 ALA H CB   1 
ATOM 491 H H    . ALA B 2 23 ? -2.521  8.758   -10.804 1.00 0.00 ? 23 ALA H H    1 
ATOM 492 H HA   . ALA B 2 23 ? -3.031  5.905   -11.385 1.00 0.00 ? 23 ALA H HA   1 
ATOM 493 H HB1  . ALA B 2 23 ? -4.105  8.485   -12.535 1.00 0.00 ? 23 ALA H HB1  1 
ATOM 494 H HB2  . ALA B 2 23 ? -4.425  6.922   -13.287 1.00 0.00 ? 23 ALA H HB2  1 
ATOM 495 H HB3  . ALA B 2 23 ? -4.984  7.242   -11.646 1.00 0.00 ? 23 ALA H HB3  1 
ATOM 496 N N    . GLU B 2 24 ? -1.154  5.700   -13.035 1.00 0.00 ? 24 GLU H N    1 
ATOM 497 C CA   . GLU B 2 24 ? -0.142  5.560   -14.116 1.00 0.00 ? 24 GLU H CA   1 
ATOM 498 C C    . GLU B 2 24 ? -0.380  4.252   -14.874 1.00 0.00 ? 24 GLU H C    1 
ATOM 499 O O    . GLU B 2 24 ? -0.909  3.298   -14.340 1.00 0.00 ? 24 GLU H O    1 
ATOM 500 C CB   . GLU B 2 24 ? 1.260   5.556   -13.505 1.00 0.00 ? 24 GLU H CB   1 
ATOM 501 C CG   . GLU B 2 24 ? 1.490   6.867   -12.749 1.00 0.00 ? 24 GLU H CG   1 
ATOM 502 C CD   . GLU B 2 24 ? 1.980   7.939   -13.723 1.00 0.00 ? 24 GLU H CD   1 
ATOM 503 O OE1  . GLU B 2 24 ? 2.201   7.607   -14.876 1.00 0.00 ? 24 GLU H OE1  1 
ATOM 504 O OE2  . GLU B 2 24 ? 2.126   9.074   -13.298 1.00 0.00 ? 24 GLU H OE2  1 
ATOM 505 H H    . GLU B 2 24 ? -1.301  4.967   -12.402 1.00 0.00 ? 24 GLU H H    1 
ATOM 506 H HA   . GLU B 2 24 ? -0.233  6.392   -14.800 1.00 0.00 ? 24 GLU H HA   1 
ATOM 507 H HB2  . GLU B 2 24 ? 1.353   4.724   -12.823 1.00 0.00 ? 24 GLU H HB2  1 
ATOM 508 H HB3  . GLU B 2 24 ? 1.994   5.466   -14.291 1.00 0.00 ? 24 GLU H HB3  1 
ATOM 509 H HG2  . GLU B 2 24 ? 0.563   7.186   -12.294 1.00 0.00 ? 24 GLU H HG2  1 
ATOM 510 H HG3  . GLU B 2 24 ? 2.233   6.713   -11.981 1.00 0.00 ? 24 GLU H HG3  1 
ATOM 511 N N    . PHE B 2 25 ? 0.002   4.208   -16.122 1.00 0.00 ? 25 PHE H N    1 
ATOM 512 C CA   . PHE B 2 25 ? -0.198  2.973   -16.946 1.00 0.00 ? 25 PHE H CA   1 
ATOM 513 C C    . PHE B 2 25 ? -1.651  2.494   -16.849 1.00 0.00 ? 25 PHE H C    1 
ATOM 514 O O    . PHE B 2 25 ? -1.961  1.370   -17.188 1.00 0.00 ? 25 PHE H O    1 
ATOM 515 C CB   . PHE B 2 25 ? 0.743   1.841   -16.496 1.00 0.00 ? 25 PHE H CB   1 
ATOM 516 C CG   . PHE B 2 25 ? 1.467   2.211   -15.225 1.00 0.00 ? 25 PHE H CG   1 
ATOM 517 C CD1  . PHE B 2 25 ? 2.508   3.145   -15.257 1.00 0.00 ? 25 PHE H CD1  1 
ATOM 518 C CD2  . PHE B 2 25 ? 1.094   1.619   -14.015 1.00 0.00 ? 25 PHE H CD2  1 
ATOM 519 C CE1  . PHE B 2 25 ? 3.179   3.484   -14.077 1.00 0.00 ? 25 PHE H CE1  1 
ATOM 520 C CE2  . PHE B 2 25 ? 1.763   1.957   -12.834 1.00 0.00 ? 25 PHE H CE2  1 
ATOM 521 C CZ   . PHE B 2 25 ? 2.806   2.892   -12.864 1.00 0.00 ? 25 PHE H CZ   1 
ATOM 522 H H    . PHE B 2 25 ? 0.421   4.995   -16.527 1.00 0.00 ? 25 PHE H H    1 
ATOM 523 H HA   . PHE B 2 25 ? 0.016   3.213   -17.979 1.00 0.00 ? 25 PHE H HA   1 
ATOM 524 H HB2  . PHE B 2 25 ? 0.165   0.945   -16.324 1.00 0.00 ? 25 PHE H HB2  1 
ATOM 525 H HB3  . PHE B 2 25 ? 1.466   1.651   -17.275 1.00 0.00 ? 25 PHE H HB3  1 
ATOM 526 H HD1  . PHE B 2 25 ? 2.796   3.603   -16.193 1.00 0.00 ? 25 PHE H HD1  1 
ATOM 527 H HD2  . PHE B 2 25 ? 0.290   0.898   -13.993 1.00 0.00 ? 25 PHE H HD2  1 
ATOM 528 H HE1  . PHE B 2 25 ? 3.981   4.205   -14.102 1.00 0.00 ? 25 PHE H HE1  1 
ATOM 529 H HE2  . PHE B 2 25 ? 1.472   1.500   -11.901 1.00 0.00 ? 25 PHE H HE2  1 
ATOM 530 H HZ   . PHE B 2 25 ? 3.323   3.154   -11.953 1.00 0.00 ? 25 PHE H HZ   1 
ATOM 531 N N    . GLY B 2 26 ? -2.552  3.338   -16.418 1.00 0.00 ? 26 GLY H N    1 
ATOM 532 C CA   . GLY B 2 26 ? -3.982  2.916   -16.342 1.00 0.00 ? 26 GLY H CA   1 
ATOM 533 C C    . GLY B 2 26 ? -4.374  2.516   -14.913 1.00 0.00 ? 26 GLY H C    1 
ATOM 534 O O    . GLY B 2 26 ? -5.524  2.617   -14.534 1.00 0.00 ? 26 GLY H O    1 
ATOM 535 H H    . GLY B 2 26 ? -2.296  4.250   -16.169 1.00 0.00 ? 26 GLY H H    1 
ATOM 536 H HA2  . GLY B 2 26 ? -4.606  3.735   -16.664 1.00 0.00 ? 26 GLY H HA2  1 
ATOM 537 H HA3  . GLY B 2 26 ? -4.134  2.073   -16.997 1.00 0.00 ? 26 GLY H HA3  1 
ATOM 538 N N    . LYS B 2 27 ? -3.449  2.053   -14.119 1.00 0.00 ? 27 LYS H N    1 
ATOM 539 C CA   . LYS B 2 27 ? -3.808  1.646   -12.732 1.00 0.00 ? 27 LYS H CA   1 
ATOM 540 C C    . LYS B 2 27 ? -3.382  2.733   -11.750 1.00 0.00 ? 27 LYS H C    1 
ATOM 541 O O    . LYS B 2 27 ? -3.043  3.834   -12.135 1.00 0.00 ? 27 LYS H O    1 
ATOM 542 C CB   . LYS B 2 27 ? -3.103  0.331   -12.387 1.00 0.00 ? 27 LYS H CB   1 
ATOM 543 C CG   . LYS B 2 27 ? -1.612  0.589   -12.162 1.00 0.00 ? 27 LYS H CG   1 
ATOM 544 C CD   . LYS B 2 27 ? -0.861  -0.744  -12.160 1.00 0.00 ? 27 LYS H CD   1 
ATOM 545 C CE   . LYS B 2 27 ? -0.843  -1.324  -13.575 1.00 0.00 ? 27 LYS H CE   1 
ATOM 546 N NZ   . LYS B 2 27 ? 0.519   -1.848  -13.881 1.00 0.00 ? 27 LYS H NZ   1 
ATOM 547 H H    . LYS B 2 27 ? -2.526  1.969   -14.432 1.00 0.00 ? 27 LYS H H    1 
ATOM 548 H HA   . LYS B 2 27 ? -4.876  1.505   -12.663 1.00 0.00 ? 27 LYS H HA   1 
ATOM 549 H HB2  . LYS B 2 27 ? -3.536  -0.084  -11.489 1.00 0.00 ? 27 LYS H HB2  1 
ATOM 550 H HB3  . LYS B 2 27 ? -3.226  -0.367  -13.202 1.00 0.00 ? 27 LYS H HB3  1 
ATOM 551 H HG2  . LYS B 2 27 ? -1.232  1.216   -12.955 1.00 0.00 ? 27 LYS H HG2  1 
ATOM 552 H HG3  . LYS B 2 27 ? -1.471  1.082   -11.212 1.00 0.00 ? 27 LYS H HG3  1 
ATOM 553 H HD2  . LYS B 2 27 ? 0.153   -0.585  -11.821 1.00 0.00 ? 27 LYS H HD2  1 
ATOM 554 H HD3  . LYS B 2 27 ? -1.357  -1.436  -11.496 1.00 0.00 ? 27 LYS H HD3  1 
ATOM 555 H HE2  . LYS B 2 27 ? -1.561  -2.129  -13.644 1.00 0.00 ? 27 LYS H HE2  1 
ATOM 556 H HE3  . LYS B 2 27 ? -1.100  -0.552  -14.285 1.00 0.00 ? 27 LYS H HE3  1 
ATOM 557 H HZ1  . LYS B 2 27 ? 1.117   -1.774  -13.034 1.00 0.00 ? 27 LYS H HZ1  1 
ATOM 558 H HZ2  . LYS B 2 27 ? 0.450   -2.843  -14.173 1.00 0.00 ? 27 LYS H HZ2  1 
ATOM 559 H HZ3  . LYS B 2 27 ? 0.940   -1.288  -14.649 1.00 0.00 ? 27 LYS H HZ3  1 
ATOM 560 N N    . TYR B 2 28 ? -3.399  2.435   -10.483 1.00 0.00 ? 28 TYR H N    1 
ATOM 561 C CA   . TYR B 2 28 ? -2.996  3.453   -9.476  1.00 0.00 ? 28 TYR H CA   1 
ATOM 562 C C    . TYR B 2 28 ? -1.778  2.962   -8.718  1.00 0.00 ? 28 TYR H C    1 
ATOM 563 O O    . TYR B 2 28 ? -1.386  1.823   -8.836  1.00 0.00 ? 28 TYR H O    1 
ATOM 564 C CB   . TYR B 2 28 ? -4.117  3.677   -8.467  1.00 0.00 ? 28 TYR H CB   1 
ATOM 565 C CG   . TYR B 2 28 ? -4.872  4.885   -8.879  1.00 0.00 ? 28 TYR H CG   1 
ATOM 566 C CD1  . TYR B 2 28 ? -5.868  4.771   -9.838  1.00 0.00 ? 28 TYR H CD1  1 
ATOM 567 C CD2  . TYR B 2 28 ? -4.556  6.119   -8.324  1.00 0.00 ? 28 TYR H CD2  1 
ATOM 568 C CE1  . TYR B 2 28 ? -6.564  5.899   -10.254 1.00 0.00 ? 28 TYR H CE1  1 
ATOM 569 C CE2  . TYR B 2 28 ? -5.248  7.255   -8.728  1.00 0.00 ? 28 TYR H CE2  1 
ATOM 570 C CZ   . TYR B 2 28 ? -6.258  7.151   -9.699  1.00 0.00 ? 28 TYR H CZ   1 
ATOM 571 O OH   . TYR B 2 28 ? -6.945  8.277   -10.110 1.00 0.00 ? 28 TYR H OH   1 
ATOM 572 H H    . TYR B 2 28 ? -3.677  1.543   -10.195 1.00 0.00 ? 28 TYR H H    1 
ATOM 573 H HA   . TYR B 2 28 ? -2.776  4.389   -9.976  1.00 0.00 ? 28 TYR H HA   1 
ATOM 574 H HB2  . TYR B 2 28 ? -4.776  2.830   -8.449  1.00 0.00 ? 28 TYR H HB2  1 
ATOM 575 H HB3  . TYR B 2 28 ? -3.695  3.834   -7.486  1.00 0.00 ? 28 TYR H HB3  1 
ATOM 576 H HD1  . TYR B 2 28 ? -6.102  3.804   -10.257 1.00 0.00 ? 28 TYR H HD1  1 
ATOM 577 H HD2  . TYR B 2 28 ? -3.778  6.192   -7.576  1.00 0.00 ? 28 TYR H HD2  1 
ATOM 578 H HE1  . TYR B 2 28 ? -7.331  5.801   -11.001 1.00 0.00 ? 28 TYR H HE1  1 
ATOM 579 H HE2  . TYR B 2 28 ? -4.999  8.206   -8.297  1.00 0.00 ? 28 TYR H HE2  1 
ATOM 580 H HH   . TYR B 2 28 ? -7.258  8.736   -9.328  1.00 0.00 ? 28 TYR H HH   1 
ATOM 581 N N    . ILE B 2 29 ? -1.199  3.805   -7.916  1.00 0.00 ? 29 ILE H N    1 
ATOM 582 C CA   . ILE B 2 29 ? -0.025  3.378   -7.115  1.00 0.00 ? 29 ILE H CA   1 
ATOM 583 C C    . ILE B 2 29 ? -0.109  4.037   -5.738  1.00 0.00 ? 29 ILE H C    1 
ATOM 584 O O    . ILE B 2 29 ? -0.290  5.234   -5.620  1.00 0.00 ? 29 ILE H O    1 
ATOM 585 C CB   . ILE B 2 29 ? 1.272   3.797   -7.807  1.00 0.00 ? 29 ILE H CB   1 
ATOM 586 C CG1  . ILE B 2 29 ? 1.224   3.393   -9.282  1.00 0.00 ? 29 ILE H CG1  1 
ATOM 587 C CG2  . ILE B 2 29 ? 2.455   3.101   -7.131  1.00 0.00 ? 29 ILE H CG2  1 
ATOM 588 C CD1  . ILE B 2 29 ? 0.967   4.631   -10.142 1.00 0.00 ? 29 ILE H CD1  1 
ATOM 589 H H    . ILE B 2 29 ? -1.553  4.715   -7.823  1.00 0.00 ? 29 ILE H H    1 
ATOM 590 H HA   . ILE B 2 29 ? -0.052  2.303   -7.004  1.00 0.00 ? 29 ILE H HA   1 
ATOM 591 H HB   . ILE B 2 29 ? 1.391   4.865   -7.725  1.00 0.00 ? 29 ILE H HB   1 
ATOM 592 H HG12 . ILE B 2 29 ? 2.167   2.948   -9.564  1.00 0.00 ? 29 ILE H HG12 1 
ATOM 593 H HG13 . ILE B 2 29 ? 0.429   2.680   -9.436  1.00 0.00 ? 29 ILE H HG13 1 
ATOM 594 H HG21 . ILE B 2 29 ? 2.121   2.624   -6.222  1.00 0.00 ? 29 ILE H HG21 1 
ATOM 595 H HG22 . ILE B 2 29 ? 2.865   2.358   -7.799  1.00 0.00 ? 29 ILE H HG22 1 
ATOM 596 H HG23 . ILE B 2 29 ? 3.216   3.832   -6.896  1.00 0.00 ? 29 ILE H HG23 1 
ATOM 597 H HD11 . ILE B 2 29 ? 0.431   5.367   -9.562  1.00 0.00 ? 29 ILE H HD11 1 
ATOM 598 H HD12 . ILE B 2 29 ? 1.910   5.046   -10.466 1.00 0.00 ? 29 ILE H HD12 1 
ATOM 599 H HD13 . ILE B 2 29 ? 0.380   4.355   -11.005 1.00 0.00 ? 29 ILE H HD13 1 
ATOM 600 N N    . CYS B 2 30 ? 0.007   3.265   -4.699  1.00 0.00 ? 30 CYS H N    1 
ATOM 601 C CA   . CYS B 2 30 ? -0.081  3.833   -3.327  1.00 0.00 ? 30 CYS H CA   1 
ATOM 602 C C    . CYS B 2 30 ? 1.307   4.242   -2.839  1.00 0.00 ? 30 CYS H C    1 
ATOM 603 O O    . CYS B 2 30 ? 2.293   3.577   -3.087  1.00 0.00 ? 30 CYS H O    1 
ATOM 604 C CB   . CYS B 2 30 ? -0.664  2.783   -2.386  1.00 0.00 ? 30 CYS H CB   1 
ATOM 605 S SG   . CYS B 2 30 ? -0.702  3.422   -0.693  1.00 0.00 ? 30 CYS H SG   1 
ATOM 606 H H    . CYS B 2 30 ? 0.142   2.306   -4.820  1.00 0.00 ? 30 CYS H H    1 
ATOM 607 H HA   . CYS B 2 30 ? -0.723  4.694   -3.335  1.00 0.00 ? 30 CYS H HA   1 
ATOM 608 H HB2  . CYS B 2 30 ? -1.668  2.538   -2.698  1.00 0.00 ? 30 CYS H HB2  1 
ATOM 609 H HB3  . CYS B 2 30 ? -0.053  1.900   -2.422  1.00 0.00 ? 30 CYS H HB3  1 
ATOM 610 N N    . LEU B 2 31 ? 1.382   5.331   -2.134  1.00 0.00 ? 31 LEU H N    1 
ATOM 611 C CA   . LEU B 2 31 ? 2.688   5.797   -1.602  1.00 0.00 ? 31 LEU H CA   1 
ATOM 612 C C    . LEU B 2 31 ? 2.490   6.165   -0.136  1.00 0.00 ? 31 LEU H C    1 
ATOM 613 O O    . LEU B 2 31 ? 2.992   7.161   0.346   1.00 0.00 ? 31 LEU H O    1 
ATOM 614 C CB   . LEU B 2 31 ? 3.159   7.022   -2.386  1.00 0.00 ? 31 LEU H CB   1 
ATOM 615 C CG   . LEU B 2 31 ? 4.667   6.928   -2.620  1.00 0.00 ? 31 LEU H CG   1 
ATOM 616 C CD1  . LEU B 2 31 ? 4.937   6.161   -3.916  1.00 0.00 ? 31 LEU H CD1  1 
ATOM 617 C CD2  . LEU B 2 31 ? 5.255   8.336   -2.729  1.00 0.00 ? 31 LEU H CD2  1 
ATOM 618 H H    . LEU B 2 31 ? 0.568   5.841   -1.943  1.00 0.00 ? 31 LEU H H    1 
ATOM 619 H HA   . LEU B 2 31 ? 3.419   5.005   -1.684  1.00 0.00 ? 31 LEU H HA   1 
ATOM 620 H HB2  . LEU B 2 31 ? 2.647   7.060   -3.337  1.00 0.00 ? 31 LEU H HB2  1 
ATOM 621 H HB3  . LEU B 2 31 ? 2.939   7.917   -1.823  1.00 0.00 ? 31 LEU H HB3  1 
ATOM 622 H HG   . LEU B 2 31 ? 5.127   6.407   -1.793  1.00 0.00 ? 31 LEU H HG   1 
ATOM 623 H HD11 . LEU B 2 31 ? 4.011   6.035   -4.459  1.00 0.00 ? 31 LEU H HD11 1 
ATOM 624 H HD12 . LEU B 2 31 ? 5.638   6.716   -4.523  1.00 0.00 ? 31 LEU H HD12 1 
ATOM 625 H HD13 . LEU B 2 31 ? 5.351   5.192   -3.681  1.00 0.00 ? 31 LEU H HD13 1 
ATOM 626 H HD21 . LEU B 2 31 ? 4.687   9.012   -2.106  1.00 0.00 ? 31 LEU H HD21 1 
ATOM 627 H HD22 . LEU B 2 31 ? 6.284   8.322   -2.401  1.00 0.00 ? 31 LEU H HD22 1 
ATOM 628 H HD23 . LEU B 2 31 ? 5.208   8.667   -3.755  1.00 0.00 ? 31 LEU H HD23 1 
ATOM 629 N N    . ASP B 2 32 ? 1.735   5.369   0.570   1.00 0.00 ? 32 ASP H N    1 
ATOM 630 C CA   . ASP B 2 32 ? 1.469   5.668   2.007   1.00 0.00 ? 32 ASP H CA   1 
ATOM 631 C C    . ASP B 2 32 ? 2.336   4.777   2.899   1.00 0.00 ? 32 ASP H C    1 
ATOM 632 O O    . ASP B 2 32 ? 3.078   3.940   2.426   1.00 0.00 ? 32 ASP H O    1 
ATOM 633 C CB   . ASP B 2 32 ? -0.010  5.409   2.308   1.00 0.00 ? 32 ASP H CB   1 
ATOM 634 C CG   . ASP B 2 32 ? -0.737  6.743   2.487   1.00 0.00 ? 32 ASP H CG   1 
ATOM 635 O OD1  . ASP B 2 32 ? -0.294  7.719   1.904   1.00 0.00 ? 32 ASP H OD1  1 
ATOM 636 O OD2  . ASP B 2 32 ? -1.724  6.765   3.203   1.00 0.00 ? 32 ASP H OD2  1 
ATOM 637 H H    . ASP B 2 32 ? 1.331   4.577   0.146   1.00 0.00 ? 32 ASP H H    1 
ATOM 638 H HA   . ASP B 2 32 ? 1.696   6.704   2.205   1.00 0.00 ? 32 ASP H HA   1 
ATOM 639 H HB2  . ASP B 2 32 ? -0.455  4.865   1.486   1.00 0.00 ? 32 ASP H HB2  1 
ATOM 640 H HB3  . ASP B 2 32 ? -0.098  4.829   3.214   1.00 0.00 ? 32 ASP H HB3  1 
ATOM 641 N N    . LEU B 2 33 ? 2.245   4.956   4.190   1.00 0.00 ? 33 LEU H N    1 
ATOM 642 C CA   . LEU B 2 33 ? 3.060   4.127   5.122   1.00 0.00 ? 33 LEU H CA   1 
ATOM 643 C C    . LEU B 2 33 ? 2.171   3.630   6.265   1.00 0.00 ? 33 LEU H C    1 
ATOM 644 O O    . LEU B 2 33 ? 1.687   4.403   7.068   1.00 0.00 ? 33 LEU H O    1 
ATOM 645 C CB   . LEU B 2 33 ? 4.198   4.974   5.696   1.00 0.00 ? 33 LEU H CB   1 
ATOM 646 C CG   . LEU B 2 33 ? 5.496   4.671   4.945   1.00 0.00 ? 33 LEU H CG   1 
ATOM 647 C CD1  . LEU B 2 33 ? 5.567   5.526   3.679   1.00 0.00 ? 33 LEU H CD1  1 
ATOM 648 C CD2  . LEU B 2 33 ? 6.691   4.999   5.844   1.00 0.00 ? 33 LEU H CD2  1 
ATOM 649 H H    . LEU B 2 33 ? 1.640   5.639   4.547   1.00 0.00 ? 33 LEU H H    1 
ATOM 650 H HA   . LEU B 2 33 ? 3.470   3.282   4.590   1.00 0.00 ? 33 LEU H HA   1 
ATOM 651 H HB2  . LEU B 2 33 ? 3.956   6.022   5.588   1.00 0.00 ? 33 LEU H HB2  1 
ATOM 652 H HB3  . LEU B 2 33 ? 4.328   4.742   6.742   1.00 0.00 ? 33 LEU H HB3  1 
ATOM 653 H HG   . LEU B 2 33 ? 5.521   3.625   4.676   1.00 0.00 ? 33 LEU H HG   1 
ATOM 654 H HD11 . LEU B 2 33 ? 4.963   6.412   3.808   1.00 0.00 ? 33 LEU H HD11 1 
ATOM 655 H HD12 . LEU B 2 33 ? 6.592   5.813   3.496   1.00 0.00 ? 33 LEU H HD12 1 
ATOM 656 H HD13 . LEU B 2 33 ? 5.198   4.957   2.839   1.00 0.00 ? 33 LEU H HD13 1 
ATOM 657 H HD21 . LEU B 2 33 ? 6.392   5.723   6.589   1.00 0.00 ? 33 LEU H HD21 1 
ATOM 658 H HD22 . LEU B 2 33 ? 7.030   4.099   6.335   1.00 0.00 ? 33 LEU H HD22 1 
ATOM 659 H HD23 . LEU B 2 33 ? 7.491   5.408   5.245   1.00 0.00 ? 33 LEU H HD23 1 
ATOM 660 N N    . ILE B 2 34 ? 1.952   2.346   6.346   1.00 0.00 ? 34 ILE H N    1 
ATOM 661 C CA   . ILE B 2 34 ? 1.097   1.801   7.437   1.00 0.00 ? 34 ILE H CA   1 
ATOM 662 C C    . ILE B 2 34 ? 1.424   0.317   7.639   1.00 0.00 ? 34 ILE H C    1 
ATOM 663 O O    . ILE B 2 34 ? 1.836   -0.367  6.723   1.00 0.00 ? 34 ILE H O    1 
ATOM 664 C CB   . ILE B 2 34 ? -0.382  1.965   7.055   1.00 0.00 ? 34 ILE H CB   1 
ATOM 665 C CG1  . ILE B 2 34 ? -0.823  3.403   7.339   1.00 0.00 ? 34 ILE H CG1  1 
ATOM 666 C CG2  . ILE B 2 34 ? -1.248  1.005   7.878   1.00 0.00 ? 34 ILE H CG2  1 
ATOM 667 C CD1  . ILE B 2 34 ? -0.883  4.190   6.027   1.00 0.00 ? 34 ILE H CD1  1 
ATOM 668 H H    . ILE B 2 34 ? 2.353   1.740   5.690   1.00 0.00 ? 34 ILE H H    1 
ATOM 669 H HA   . ILE B 2 34 ? 1.296   2.340   8.350   1.00 0.00 ? 34 ILE H HA   1 
ATOM 670 H HB   . ILE B 2 34 ? -0.508  1.749   6.004   1.00 0.00 ? 34 ILE H HB   1 
ATOM 671 H HG12 . ILE B 2 34 ? -1.801  3.395   7.798   1.00 0.00 ? 34 ILE H HG12 1 
ATOM 672 H HG13 . ILE B 2 34 ? -0.116  3.872   8.005   1.00 0.00 ? 34 ILE H HG13 1 
ATOM 673 H HG21 . ILE B 2 34 ? -0.759  0.793   8.817   1.00 0.00 ? 34 ILE H HG21 1 
ATOM 674 H HG22 . ILE B 2 34 ? -2.210  1.459   8.068   1.00 0.00 ? 34 ILE H HG22 1 
ATOM 675 H HG23 . ILE B 2 34 ? -1.387  0.085   7.330   1.00 0.00 ? 34 ILE H HG23 1 
ATOM 676 H HD11 . ILE B 2 34 ? -0.820  3.505   5.194   1.00 0.00 ? 34 ILE H HD11 1 
ATOM 677 H HD12 . ILE B 2 34 ? -1.815  4.734   5.977   1.00 0.00 ? 34 ILE H HD12 1 
ATOM 678 H HD13 . ILE B 2 34 ? -0.057  4.884   5.986   1.00 0.00 ? 34 ILE H HD13 1 
ATOM 679 N N    . SER B 2 35 ? 1.244   -0.183  8.830   1.00 0.00 ? 35 SER H N    1 
ATOM 680 C CA   . SER B 2 35 ? 1.544   -1.619  9.089   1.00 0.00 ? 35 SER H CA   1 
ATOM 681 C C    . SER B 2 35 ? 0.938   -2.032  10.434  1.00 0.00 ? 35 SER H C    1 
ATOM 682 O O    . SER B 2 35 ? 1.636   -2.117  11.426  1.00 0.00 ? 35 SER H O    1 
ATOM 683 C CB   . SER B 2 35 ? 3.059   -1.824  9.128   1.00 0.00 ? 35 SER H CB   1 
ATOM 684 O OG   . SER B 2 35 ? 3.345   -3.214  9.038   1.00 0.00 ? 35 SER H OG   1 
ATOM 685 H H    . SER B 2 35 ? 0.911   0.386   9.556   1.00 0.00 ? 35 SER H H    1 
ATOM 686 H HA   . SER B 2 35 ? 1.118   -2.223  8.302   1.00 0.00 ? 35 SER H HA   1 
ATOM 687 H HB2  . SER B 2 35 ? 3.514   -1.315  8.295   1.00 0.00 ? 35 SER H HB2  1 
ATOM 688 H HB3  . SER B 2 35 ? 3.453   -1.423  10.052  1.00 0.00 ? 35 SER H HB3  1 
ATOM 689 H HG   . SER B 2 35 ? 3.474   -3.548  9.929   1.00 0.00 ? 35 SER H HG   1 
ATOM 690 N N    . PRO B 2 36 ? -0.347  -2.280  10.424  1.00 0.00 ? 36 PRO H N    1 
ATOM 691 C CA   . PRO B 2 36 ? -1.085  -2.690  11.631  1.00 0.00 ? 36 PRO H CA   1 
ATOM 692 C C    . PRO B 2 36 ? -0.827  -4.168  11.940  1.00 0.00 ? 36 PRO H C    1 
ATOM 693 O O    . PRO B 2 36 ? -1.406  -4.731  12.848  1.00 0.00 ? 36 PRO H O    1 
ATOM 694 C CB   . PRO B 2 36 ? -2.551  -2.456  11.252  1.00 0.00 ? 36 PRO H CB   1 
ATOM 695 C CG   . PRO B 2 36 ? -2.610  -2.470  9.706   1.00 0.00 ? 36 PRO H CG   1 
ATOM 696 C CD   . PRO B 2 36 ? -1.182  -2.177  9.209   1.00 0.00 ? 36 PRO H CD   1 
ATOM 697 H HA   . PRO B 2 36 ? -0.817  -2.070  12.471  1.00 0.00 ? 36 PRO H HA   1 
ATOM 698 H HB2  . PRO B 2 36 ? -3.168  -3.246  11.657  1.00 0.00 ? 36 PRO H HB2  1 
ATOM 699 H HB3  . PRO B 2 36 ? -2.883  -1.499  11.621  1.00 0.00 ? 36 PRO H HB3  1 
ATOM 700 H HG2  . PRO B 2 36 ? -2.935  -3.440  9.357   1.00 0.00 ? 36 PRO H HG2  1 
ATOM 701 H HG3  . PRO B 2 36 ? -3.283  -1.704  9.353   1.00 0.00 ? 36 PRO H HG3  1 
ATOM 702 H HD2  . PRO B 2 36 ? -0.880  -2.911  8.475   1.00 0.00 ? 36 PRO H HD2  1 
ATOM 703 H HD3  . PRO B 2 36 ? -1.119  -1.180  8.799   1.00 0.00 ? 36 PRO H HD3  1 
ATOM 704 N N    . ASN B 2 37 ? 0.039   -4.798  11.193  1.00 0.00 ? 37 ASN H N    1 
ATOM 705 C CA   . ASN B 2 37 ? 0.335   -6.236  11.443  1.00 0.00 ? 37 ASN H CA   1 
ATOM 706 C C    . ASN B 2 37 ? 1.351   -6.730  10.410  1.00 0.00 ? 37 ASN H C    1 
ATOM 707 O O    . ASN B 2 37 ? 2.037   -5.950  9.779   1.00 0.00 ? 37 ASN H O    1 
ATOM 708 C CB   . ASN B 2 37 ? -0.956  -7.051  11.323  1.00 0.00 ? 37 ASN H CB   1 
ATOM 709 C CG   . ASN B 2 37 ? -1.359  -7.163  9.850   1.00 0.00 ? 37 ASN H CG   1 
ATOM 710 O OD1  . ASN B 2 37 ? -1.458  -8.251  9.318   1.00 0.00 ? 37 ASN H OD1  1 
ATOM 711 N ND2  . ASN B 2 37 ? -1.598  -6.078  9.166   1.00 0.00 ? 37 ASN H ND2  1 
ATOM 712 H H    . ASN B 2 37 ? 0.496   -4.323  10.468  1.00 0.00 ? 37 ASN H H    1 
ATOM 713 H HA   . ASN B 2 37 ? 0.745   -6.354  12.436  1.00 0.00 ? 37 ASN H HA   1 
ATOM 714 H HB2  . ASN B 2 37 ? -0.798  -8.038  11.730  1.00 0.00 ? 37 ASN H HB2  1 
ATOM 715 H HB3  . ASN B 2 37 ? -1.745  -6.558  11.872  1.00 0.00 ? 37 ASN H HB3  1 
ATOM 716 H HD21 . ASN B 2 37 ? -1.518  -5.201  9.595   1.00 0.00 ? 37 ASN H HD21 1 
ATOM 717 H HD22 . ASN B 2 37 ? -1.855  -6.140  8.223   1.00 0.00 ? 37 ASN H HD22 1 
ATOM 718 N N    . ASP B 2 38 ? 1.451   -8.018  10.227  1.00 0.00 ? 38 ASP H N    1 
ATOM 719 C CA   . ASP B 2 38 ? 2.419   -8.554  9.231   1.00 0.00 ? 38 ASP H CA   1 
ATOM 720 C C    . ASP B 2 38 ? 2.064   -8.020  7.842   1.00 0.00 ? 38 ASP H C    1 
ATOM 721 O O    . ASP B 2 38 ? 2.844   -7.334  7.212   1.00 0.00 ? 38 ASP H O    1 
ATOM 722 C CB   . ASP B 2 38 ? 2.349   -10.082 9.223   1.00 0.00 ? 38 ASP H CB   1 
ATOM 723 C CG   . ASP B 2 38 ? 3.754   -10.658 9.399   1.00 0.00 ? 38 ASP H CG   1 
ATOM 724 O OD1  . ASP B 2 38 ? 4.435   -10.823 8.400   1.00 0.00 ? 38 ASP H OD1  1 
ATOM 725 O OD2  . ASP B 2 38 ? 4.125   -10.925 10.529  1.00 0.00 ? 38 ASP H OD2  1 
ATOM 726 H H    . ASP B 2 38 ? 0.886   -8.632  10.742  1.00 0.00 ? 38 ASP H H    1 
ATOM 727 H HA   . ASP B 2 38 ? 3.418   -8.241  9.494   1.00 0.00 ? 38 ASP H HA   1 
ATOM 728 H HB2  . ASP B 2 38 ? 1.716   -10.416 10.033  1.00 0.00 ? 38 ASP H HB2  1 
ATOM 729 H HB3  . ASP B 2 38 ? 1.938   -10.418 8.283   1.00 0.00 ? 38 ASP H HB3  1 
ATOM 730 N N    . CYS B 2 39 ? 0.891   -8.327  7.363   1.00 0.00 ? 39 CYS H N    1 
ATOM 731 C CA   . CYS B 2 39 ? 0.483   -7.837  6.018   1.00 0.00 ? 39 CYS H CA   1 
ATOM 732 C C    . CYS B 2 39 ? -0.957  -8.271  5.735   1.00 0.00 ? 39 CYS H C    1 
ATOM 733 O O    . CYS B 2 39 ? -1.620  -8.841  6.579   1.00 0.00 ? 39 CYS H O    1 
ATOM 734 C CB   . CYS B 2 39 ? 1.415   -8.422  4.955   1.00 0.00 ? 39 CYS H CB   1 
ATOM 735 S SG   . CYS B 2 39 ? 2.644   -7.181  4.480   1.00 0.00 ? 39 CYS H SG   1 
ATOM 736 H H    . CYS B 2 39 ? 0.277   -8.880  7.889   1.00 0.00 ? 39 CYS H H    1 
ATOM 737 H HA   . CYS B 2 39 ? 0.544   -6.759  5.995   1.00 0.00 ? 39 CYS H HA   1 
ATOM 738 H HB2  . CYS B 2 39 ? 1.918   -9.290  5.356   1.00 0.00 ? 39 CYS H HB2  1 
ATOM 739 H HB3  . CYS B 2 39 ? 0.839   -8.709  4.088   1.00 0.00 ? 39 CYS H HB3  1 
ATOM 740 N N    . VAL B 2 40 ? -1.446  -8.007  4.554   1.00 0.00 ? 40 VAL H N    1 
ATOM 741 C CA   . VAL B 2 40 ? -2.843  -8.403  4.220   1.00 0.00 ? 40 VAL H CA   1 
ATOM 742 C C    . VAL B 2 40 ? -2.823  -9.652  3.349   1.00 0.00 ? 40 VAL H C    1 
ATOM 743 O O    . VAL B 2 40 ? -3.597  -9.799  2.424   1.00 0.00 ? 40 VAL H O    1 
ATOM 744 C CB   . VAL B 2 40 ? -3.522  -7.269  3.462   1.00 0.00 ? 40 VAL H CB   1 
ATOM 745 C CG1  . VAL B 2 40 ? -5.017  -7.566  3.324   1.00 0.00 ? 40 VAL H CG1  1 
ATOM 746 C CG2  . VAL B 2 40 ? -3.328  -5.957  4.225   1.00 0.00 ? 40 VAL H CG2  1 
ATOM 747 H H    . VAL B 2 40 ? -0.895  -7.545  3.889   1.00 0.00 ? 40 VAL H H    1 
ATOM 748 H HA   . VAL B 2 40 ? -3.384  -8.610  5.128   1.00 0.00 ? 40 VAL H HA   1 
ATOM 749 H HB   . VAL B 2 40 ? -3.079  -7.189  2.482   1.00 0.00 ? 40 VAL H HB   1 
ATOM 750 H HG11 . VAL B 2 40 ? -5.216  -8.573  3.661   1.00 0.00 ? 40 VAL H HG11 1 
ATOM 751 H HG12 . VAL B 2 40 ? -5.579  -6.868  3.927   1.00 0.00 ? 40 VAL H HG12 1 
ATOM 752 H HG13 . VAL B 2 40 ? -5.309  -7.466  2.290   1.00 0.00 ? 40 VAL H HG13 1 
ATOM 753 H HG21 . VAL B 2 40 ? -3.226  -6.166  5.280   1.00 0.00 ? 40 VAL H HG21 1 
ATOM 754 H HG22 . VAL B 2 40 ? -2.436  -5.462  3.869   1.00 0.00 ? 40 VAL H HG22 1 
ATOM 755 H HG23 . VAL B 2 40 ? -4.183  -5.317  4.066   1.00 0.00 ? 40 VAL H HG23 1 
ATOM 756 N N    . LYS B 2 41 ? -1.940  -10.552 3.646   1.00 0.00 ? 41 LYS H N    1 
ATOM 757 C CA   . LYS B 2 41 ? -1.846  -11.808 2.851   1.00 0.00 ? 41 LYS H CA   1 
ATOM 758 C C    . LYS B 2 41 ? -1.740  -11.464 1.363   1.00 0.00 ? 41 LYS H C    1 
ATOM 759 O O    . LYS B 2 41 ? -0.984  -10.563 1.037   1.00 0.00 ? 41 LYS H O    1 
ATOM 760 C CB   . LYS B 2 41 ? -3.097  -12.659 3.089   1.00 0.00 ? 41 LYS H CB   1 
ATOM 761 C CG   . LYS B 2 41 ? -2.850  -13.620 4.254   1.00 0.00 ? 41 LYS H CG   1 
ATOM 762 C CD   . LYS B 2 41 ? -2.803  -15.056 3.729   1.00 0.00 ? 41 LYS H CD   1 
ATOM 763 C CE   . LYS B 2 41 ? -2.337  -15.991 4.846   1.00 0.00 ? 41 LYS H CE   1 
ATOM 764 N NZ   . LYS B 2 41 ? -3.353  -17.063 5.053   1.00 0.00 ? 41 LYS H NZ   1 
ATOM 765 O OXT  . LYS B 2 41 ? -2.415  -12.108 0.577   1.00 0.00 ? 41 LYS H OXT  1 
ATOM 766 H H    . LYS B 2 41 ? -1.337  -10.397 4.398   1.00 0.00 ? 41 LYS H H    1 
ATOM 767 H HA   . LYS B 2 41 ? -0.970  -12.361 3.156   1.00 0.00 ? 41 LYS H HA   1 
ATOM 768 H HB2  . LYS B 2 41 ? -3.930  -12.014 3.325   1.00 0.00 ? 41 LYS H HB2  1 
ATOM 769 H HB3  . LYS B 2 41 ? -3.320  -13.226 2.198   1.00 0.00 ? 41 LYS H HB3  1 
ATOM 770 H HG2  . LYS B 2 41 ? -1.910  -13.377 4.728   1.00 0.00 ? 41 LYS H HG2  1 
ATOM 771 H HG3  . LYS B 2 41 ? -3.650  -13.528 4.973   1.00 0.00 ? 41 LYS H HG3  1 
ATOM 772 H HD2  . LYS B 2 41 ? -3.789  -15.350 3.399   1.00 0.00 ? 41 LYS H HD2  1 
ATOM 773 H HD3  . LYS B 2 41 ? -2.112  -15.116 2.901   1.00 0.00 ? 41 LYS H HD3  1 
ATOM 774 H HE2  . LYS B 2 41 ? -1.393  -16.438 4.572   1.00 0.00 ? 41 LYS H HE2  1 
ATOM 775 H HE3  . LYS B 2 41 ? -2.217  -15.428 5.760   1.00 0.00 ? 41 LYS H HE3  1 
ATOM 776 H HZ1  . LYS B 2 41 ? -3.688  -17.407 4.131   1.00 0.00 ? 41 LYS H HZ1  1 
ATOM 777 H HZ2  . LYS B 2 41 ? -2.923  -17.849 5.583   1.00 0.00 ? 41 LYS H HZ2  1 
ATOM 778 H HZ3  . LYS B 2 41 ? -4.156  -16.681 5.591   1.00 0.00 ? 41 LYS H HZ3  1 
# 
